data_7CY5
#
_entry.id   7CY5
#
_cell.length_a   153.846
_cell.length_b   126.418
_cell.length_c   64.217
_cell.angle_alpha   90.000
_cell.angle_beta   102.270
_cell.angle_gamma   90.000
#
_symmetry.space_group_name_H-M   'C 1 2 1'
#
loop_
_entity.id
_entity.type
_entity.pdbx_description
1 polymer 'Maltodextrin-binding protein,5-methylcytosine-modifying enzyme 1'
2 non-polymer 'FE (III) ION'
3 non-polymer 'ASCORBIC ACID'
4 non-polymer 'CITRIC ACID'
5 water water
#
_entity_poly.entity_id   1
_entity_poly.type   'polypeptide(L)'
_entity_poly.pdbx_seq_one_letter_code
;MKIEEGKLVIWINGDKGYNGLAEVGKKFEKDTGIKVTVEHPDKLEEKFPQVAATGDGPDIIFWAHDRFGGYAQSGLLAEI
TPAAAFQDKLYPFTWDAVRYNGKLIAYPIAVEALSLIYNKDLLPNPPKTWEEIPALDKELKAKGKSALMFNLQEPYFTWP
LIAADGGYAFKYAAGKYDIKDVGVDNAGAKAGLTFLVDLIKNKHMNADTDYSIAEAAFNKGETAMTINGPWAWSNIDTSA
VNYGVTVLPTFKGQPSKPFVGVLSAGINAASPNKELAKEFLENYLLTDEGLEAVNKDKPLGAVALKSYEEELAKDPRIAA
TMENAQKGEIMPNIPQMSAFWYAVRTAVINAASGRQTVDAALAAAQTNAARAAAMSVALASEYQLVQNAQLPQRWSQSAR
KSLAILEATARKEATAQMEAAGGSFCGQFPVDPAFKVLSLEYSAPNPDIARAIRRVDSVPNPPLPSHVVAIQSTAVDADL
SLAMGVSLTPGRHTSYLVDARALQQSNSAAVAARKADGDKWGPACDEMFRGCRCVTGQEVVFYTAVKEPAGEVEGGEGSL
FKPSFDGPAFRPSWGELSGKATGVVACVLQVPIGKETDIICAEYDNLVSKGQFATVDRFGGDHTVNMTGNALIQNDGKAI
SKGYAVAHRARVTSNVYGKANDVSLQRLAETVWSVVEKRLSFMPAYRDLVITEQGKPFMLGATATNIISLTENQGVMLHL
DTDDGVWTIILWFHRHSGIIAGGEFVLPSLGISFQPLDFTIVVFAANTIVHGTRPLQTTGKIIRWGSSHFLRFKDVNALA
QLGAAYGVDELDAKQRDQLEEVDAANSKDGVGAARRVASCMAAERKAAIEAQKAACVRGVVMNPCTGRMPSLLFWQVWRK
PPALAVRANAVAGKKRAAADVDFCGAAAALEHHHHHH
;
_entity_poly.pdbx_strand_id   A
#
# COMPACT_ATOMS: atom_id res chain seq x y z
N GLU A 5 27.50 -8.67 0.48
CA GLU A 5 26.60 -8.60 1.68
C GLU A 5 26.96 -9.67 2.67
N GLY A 6 27.18 -10.89 2.16
CA GLY A 6 27.63 -12.04 2.92
C GLY A 6 26.78 -12.47 4.09
N LYS A 7 25.46 -12.26 4.00
CA LYS A 7 24.51 -12.64 5.04
C LYS A 7 23.16 -13.05 4.50
N LEU A 8 22.36 -13.72 5.32
CA LEU A 8 21.02 -14.15 4.89
C LEU A 8 19.92 -13.67 5.84
N VAL A 9 19.01 -12.87 5.29
CA VAL A 9 17.81 -12.40 6.00
C VAL A 9 16.60 -13.16 5.45
N ILE A 10 15.81 -13.75 6.35
CA ILE A 10 14.64 -14.53 5.97
C ILE A 10 13.37 -13.98 6.61
N TRP A 11 12.35 -13.77 5.78
CA TRP A 11 11.02 -13.42 6.25
C TRP A 11 10.09 -14.63 6.15
N ILE A 12 9.42 -14.90 7.26
CA ILE A 12 8.45 -15.99 7.40
C ILE A 12 7.30 -15.46 8.26
N ASN A 13 6.11 -16.02 8.12
CA ASN A 13 4.96 -15.56 8.89
C ASN A 13 5.06 -15.96 10.37
N GLY A 14 4.42 -15.16 11.22
CA GLY A 14 4.41 -15.37 12.67
C GLY A 14 3.74 -16.64 13.17
N ASP A 15 2.80 -17.18 12.37
CA ASP A 15 2.10 -18.42 12.71
C ASP A 15 2.90 -19.70 12.42
N LYS A 16 4.00 -19.57 11.68
CA LYS A 16 4.90 -20.69 11.36
C LYS A 16 5.89 -20.95 12.49
N GLY A 17 6.71 -22.00 12.33
CA GLY A 17 7.74 -22.36 13.31
C GLY A 17 9.07 -21.73 13.00
N TYR A 18 9.18 -20.43 13.26
CA TYR A 18 10.38 -19.64 12.90
C TYR A 18 11.60 -19.90 13.77
N ASN A 19 11.38 -20.20 15.05
CA ASN A 19 12.45 -20.53 15.99
C ASN A 19 13.10 -21.88 15.63
N GLY A 20 12.31 -22.79 15.08
CA GLY A 20 12.81 -24.05 14.53
C GLY A 20 13.70 -23.80 13.32
N LEU A 21 13.26 -22.88 12.47
CA LEU A 21 14.03 -22.41 11.32
C LEU A 21 15.30 -21.66 11.75
N ALA A 22 15.20 -20.89 12.84
CA ALA A 22 16.34 -20.17 13.43
C ALA A 22 17.45 -21.13 13.87
N GLU A 23 17.06 -22.31 14.35
CA GLU A 23 17.98 -23.39 14.72
C GLU A 23 18.70 -24.00 13.53
N VAL A 24 18.03 -24.00 12.40
CA VAL A 24 18.62 -24.46 11.16
C VAL A 24 19.62 -23.45 10.64
N GLY A 25 19.31 -22.20 10.94
CA GLY A 25 20.15 -21.05 10.66
C GLY A 25 21.44 -21.08 11.42
N LYS A 26 21.39 -21.54 12.67
CA LYS A 26 22.63 -21.63 13.44
C LYS A 26 23.58 -22.56 12.79
N LYS A 27 23.11 -23.77 12.53
CA LYS A 27 23.91 -24.81 11.92
C LYS A 27 24.46 -24.38 10.61
N PHE A 28 23.84 -23.39 9.97
CA PHE A 28 24.42 -22.81 8.78
C PHE A 28 25.64 -21.88 9.07
N GLU A 29 25.57 -21.10 10.16
CA GLU A 29 26.62 -20.16 10.58
C GLU A 29 27.87 -20.93 10.95
N LYS A 30 27.69 -22.17 11.32
CA LYS A 30 28.77 -23.09 11.65
C LYS A 30 29.69 -23.49 10.56
N ASP A 31 29.14 -23.84 9.44
CA ASP A 31 29.94 -24.40 8.37
C ASP A 31 30.47 -23.38 7.44
N THR A 32 29.70 -22.34 7.14
CA THR A 32 30.12 -21.33 6.16
C THR A 32 30.53 -20.00 6.81
N GLY A 33 30.27 -19.87 8.11
CA GLY A 33 30.53 -18.61 8.83
C GLY A 33 29.60 -17.50 8.40
N ILE A 34 28.39 -17.86 7.98
CA ILE A 34 27.39 -16.92 7.49
C ILE A 34 26.21 -16.88 8.46
N LYS A 35 25.90 -15.69 8.97
CA LYS A 35 24.80 -15.53 9.90
C LYS A 35 23.53 -15.62 9.14
N VAL A 36 22.54 -16.21 9.79
CA VAL A 36 21.21 -16.33 9.27
C VAL A 36 20.25 -15.71 10.24
N THR A 37 19.56 -14.67 9.80
CA THR A 37 18.58 -13.97 10.63
C THR A 37 17.13 -14.20 10.18
N VAL A 38 16.25 -14.51 11.12
CA VAL A 38 14.86 -14.88 10.78
C VAL A 38 13.85 -13.95 11.46
N GLU A 39 13.39 -12.94 10.72
CA GLU A 39 12.37 -12.00 11.18
C GLU A 39 10.96 -12.48 10.81
N HIS A 40 9.96 -12.06 11.59
CA HIS A 40 8.55 -12.40 11.33
C HIS A 40 7.65 -11.15 11.29
N PRO A 41 7.76 -10.34 10.22
CA PRO A 41 7.05 -9.05 10.16
C PRO A 41 5.55 -9.21 9.93
N ASP A 42 4.76 -8.39 10.62
CA ASP A 42 3.30 -8.33 10.44
C ASP A 42 2.98 -7.79 9.04
N LYS A 43 1.75 -8.01 8.58
CA LYS A 43 1.27 -7.67 7.21
C LYS A 43 2.22 -8.14 6.08
N LEU A 44 2.75 -9.36 6.24
CA LEU A 44 3.80 -9.90 5.36
C LEU A 44 3.39 -10.08 3.89
N GLU A 45 2.10 -10.38 3.67
CA GLU A 45 1.48 -10.45 2.32
C GLU A 45 1.85 -9.21 1.50
N GLU A 46 1.54 -8.04 2.06
CA GLU A 46 1.73 -6.75 1.38
C GLU A 46 3.12 -6.15 1.56
N LYS A 47 3.79 -6.48 2.66
CA LYS A 47 5.10 -5.91 3.02
C LYS A 47 6.23 -6.28 2.05
N PHE A 48 6.30 -7.56 1.66
CA PHE A 48 7.33 -8.01 0.71
C PHE A 48 7.29 -7.32 -0.67
N PRO A 49 6.12 -7.30 -1.37
CA PRO A 49 6.13 -6.63 -2.70
C PRO A 49 6.39 -5.11 -2.69
N GLN A 50 6.05 -4.45 -1.58
CA GLN A 50 6.31 -3.02 -1.38
C GLN A 50 7.80 -2.73 -1.16
N VAL A 51 8.45 -3.55 -0.34
CA VAL A 51 9.87 -3.39 0.02
C VAL A 51 10.82 -3.98 -1.06
N ALA A 52 10.47 -5.16 -1.60
CA ALA A 52 11.28 -5.81 -2.66
C ALA A 52 11.30 -5.05 -3.98
N ALA A 53 10.24 -4.28 -4.26
CA ALA A 53 10.15 -3.42 -5.46
C ALA A 53 11.25 -2.35 -5.53
N THR A 54 11.77 -1.96 -4.37
CA THR A 54 12.81 -0.93 -4.25
C THR A 54 14.23 -1.53 -4.13
N GLY A 55 14.36 -2.83 -4.40
CA GLY A 55 15.63 -3.54 -4.23
C GLY A 55 16.02 -3.81 -2.78
N ASP A 56 15.05 -3.66 -1.86
CA ASP A 56 15.25 -3.90 -0.43
C ASP A 56 14.57 -5.20 0.03
N GLY A 57 14.64 -5.47 1.33
CA GLY A 57 13.99 -6.62 1.95
C GLY A 57 14.92 -7.77 2.28
N PRO A 58 14.34 -8.99 2.45
CA PRO A 58 15.10 -10.19 2.86
C PRO A 58 15.76 -10.89 1.68
N ASP A 59 16.62 -11.86 1.98
CA ASP A 59 17.17 -12.75 0.94
C ASP A 59 16.15 -13.84 0.56
N ILE A 60 15.44 -14.34 1.57
CA ILE A 60 14.49 -15.44 1.42
C ILE A 60 13.10 -15.03 1.93
N ILE A 61 12.06 -15.30 1.15
CA ILE A 61 10.71 -15.11 1.55
C ILE A 61 9.91 -16.41 1.60
N PHE A 62 9.21 -16.64 2.70
CA PHE A 62 8.37 -17.79 2.92
C PHE A 62 6.88 -17.46 2.92
N TRP A 63 6.14 -17.95 1.93
CA TRP A 63 4.72 -17.73 1.79
C TRP A 63 4.15 -18.75 0.91
N ALA A 64 2.82 -18.84 0.86
CA ALA A 64 2.09 -19.67 -0.10
C ALA A 64 2.47 -19.30 -1.54
N HIS A 65 2.72 -20.35 -2.33
CA HIS A 65 3.12 -20.26 -3.73
C HIS A 65 2.26 -19.32 -4.59
N ASP A 66 0.98 -19.18 -4.23
CA ASP A 66 0.01 -18.43 -5.05
C ASP A 66 0.38 -16.98 -5.29
N ARG A 67 1.00 -16.34 -4.29
CA ARG A 67 1.38 -14.94 -4.35
C ARG A 67 2.64 -14.74 -5.21
N PHE A 68 3.44 -15.80 -5.28
CA PHE A 68 4.78 -15.80 -5.86
C PHE A 68 4.80 -15.59 -7.37
N GLY A 69 3.72 -15.99 -8.05
CA GLY A 69 3.55 -15.78 -9.49
C GLY A 69 3.35 -14.31 -9.86
N GLY A 70 2.63 -13.59 -8.98
CA GLY A 70 2.49 -12.14 -9.06
C GLY A 70 3.81 -11.45 -8.81
N TYR A 71 4.58 -11.95 -7.84
CA TYR A 71 5.93 -11.44 -7.55
C TYR A 71 6.84 -11.63 -8.76
N ALA A 72 6.73 -12.81 -9.40
CA ALA A 72 7.47 -13.17 -10.61
C ALA A 72 7.17 -12.25 -11.81
N GLN A 73 5.90 -11.84 -11.96
CA GLN A 73 5.48 -10.86 -12.97
C GLN A 73 6.15 -9.52 -12.77
N SER A 74 6.40 -9.20 -11.49
CA SER A 74 7.02 -7.96 -11.06
C SER A 74 8.56 -8.06 -10.97
N GLY A 75 9.10 -9.25 -11.24
CA GLY A 75 10.54 -9.51 -11.22
C GLY A 75 11.20 -9.33 -9.87
N LEU A 76 10.48 -9.69 -8.81
CA LEU A 76 10.96 -9.56 -7.44
C LEU A 76 11.64 -10.85 -6.95
N LEU A 77 11.56 -11.90 -7.76
CA LEU A 77 12.11 -13.21 -7.39
C LEU A 77 13.17 -13.72 -8.36
N ALA A 78 14.19 -14.36 -7.80
CA ALA A 78 15.26 -14.98 -8.56
C ALA A 78 14.81 -16.32 -9.14
N GLU A 79 15.23 -16.59 -10.37
CA GLU A 79 15.09 -17.92 -10.96
C GLU A 79 16.03 -18.87 -10.21
N ILE A 80 15.43 -19.86 -9.57
CA ILE A 80 16.20 -20.92 -8.90
C ILE A 80 16.59 -21.98 -9.92
N THR A 81 17.82 -22.50 -9.81
CA THR A 81 18.34 -23.48 -10.78
C THR A 81 18.74 -24.79 -10.11
N PRO A 82 17.75 -25.57 -9.58
CA PRO A 82 18.17 -26.81 -8.93
C PRO A 82 18.50 -27.91 -9.95
N ALA A 83 19.52 -28.71 -9.63
CA ALA A 83 19.90 -29.87 -10.45
C ALA A 83 18.77 -30.88 -10.49
N ALA A 84 18.67 -31.61 -11.61
CA ALA A 84 17.64 -32.67 -11.80
C ALA A 84 17.62 -33.71 -10.68
N ALA A 85 18.79 -33.93 -10.06
CA ALA A 85 18.97 -34.85 -8.93
C ALA A 85 18.40 -34.32 -7.61
N PHE A 86 18.40 -33.00 -7.40
CA PHE A 86 17.71 -32.41 -6.25
C PHE A 86 16.19 -32.34 -6.46
N GLN A 87 15.77 -32.07 -7.69
CA GLN A 87 14.36 -32.01 -8.07
C GLN A 87 13.61 -33.33 -7.80
N ASP A 88 14.34 -34.44 -7.87
CA ASP A 88 13.79 -35.78 -7.56
C ASP A 88 13.38 -35.95 -6.10
N LYS A 89 14.05 -35.23 -5.19
CA LYS A 89 13.78 -35.33 -3.74
C LYS A 89 12.41 -34.78 -3.29
N LEU A 90 11.72 -34.09 -4.19
CA LEU A 90 10.40 -33.51 -3.91
C LEU A 90 9.38 -34.00 -4.92
N TYR A 91 8.12 -34.15 -4.48
CA TYR A 91 7.01 -34.53 -5.38
C TYR A 91 6.88 -33.55 -6.57
N PRO A 92 6.78 -34.09 -7.81
CA PRO A 92 6.73 -33.26 -9.03
C PRO A 92 5.64 -32.16 -9.06
N PHE A 93 4.48 -32.41 -8.46
CA PHE A 93 3.38 -31.43 -8.47
C PHE A 93 3.70 -30.17 -7.65
N THR A 94 4.47 -30.33 -6.58
CA THR A 94 4.92 -29.20 -5.76
C THR A 94 5.86 -28.27 -6.53
N TRP A 95 6.68 -28.85 -7.41
CA TRP A 95 7.47 -28.06 -8.37
C TRP A 95 6.59 -27.30 -9.36
N ASP A 96 5.47 -27.89 -9.77
CA ASP A 96 4.49 -27.23 -10.66
C ASP A 96 3.87 -26.00 -10.00
N ALA A 97 3.73 -26.05 -8.68
CA ALA A 97 3.20 -24.93 -7.88
C ALA A 97 4.14 -23.73 -7.83
N VAL A 98 5.44 -23.95 -8.05
CA VAL A 98 6.46 -22.89 -8.03
C VAL A 98 7.07 -22.60 -9.41
N ARG A 99 6.25 -22.76 -10.44
CA ARG A 99 6.67 -22.48 -11.82
C ARG A 99 5.90 -21.30 -12.36
N TYR A 100 6.63 -20.30 -12.83
CA TYR A 100 6.01 -19.19 -13.57
C TYR A 100 6.80 -18.91 -14.85
N ASN A 101 6.07 -18.96 -15.98
CA ASN A 101 6.61 -18.65 -17.31
C ASN A 101 7.82 -19.53 -17.68
N GLY A 102 7.62 -20.85 -17.59
CA GLY A 102 8.68 -21.83 -17.85
C GLY A 102 9.74 -21.98 -16.76
N LYS A 103 9.90 -20.95 -15.93
CA LYS A 103 10.97 -20.85 -14.93
C LYS A 103 10.51 -21.27 -13.53
N LEU A 104 11.39 -21.97 -12.80
CA LEU A 104 11.18 -22.20 -11.37
C LEU A 104 11.59 -20.96 -10.59
N ILE A 105 10.75 -20.58 -9.61
CA ILE A 105 10.86 -19.28 -8.92
C ILE A 105 10.96 -19.37 -7.39
N ALA A 106 10.79 -20.58 -6.85
CA ALA A 106 10.86 -20.85 -5.40
C ALA A 106 11.08 -22.33 -5.09
N TYR A 107 11.47 -22.61 -3.84
CA TYR A 107 11.60 -23.98 -3.35
C TYR A 107 10.34 -24.40 -2.57
N PRO A 108 9.65 -25.47 -3.01
CA PRO A 108 8.51 -25.95 -2.21
C PRO A 108 8.95 -26.51 -0.86
N ILE A 109 8.15 -26.27 0.19
CA ILE A 109 8.46 -26.72 1.55
C ILE A 109 7.35 -27.64 2.08
N ALA A 110 6.15 -27.07 2.23
CA ALA A 110 5.03 -27.79 2.82
C ALA A 110 3.83 -27.75 1.88
N VAL A 111 2.90 -28.69 2.09
CA VAL A 111 1.74 -28.89 1.21
C VAL A 111 0.53 -28.91 2.13
N GLU A 112 -0.49 -28.16 1.76
CA GLU A 112 -1.70 -28.06 2.56
C GLU A 112 -2.96 -28.07 1.68
N ALA A 113 -4.02 -28.70 2.20
CA ALA A 113 -5.33 -28.81 1.56
C ALA A 113 -6.36 -29.21 2.62
N LEU A 114 -7.63 -28.92 2.33
CA LEU A 114 -8.75 -29.36 3.17
C LEU A 114 -8.91 -30.88 3.18
N SER A 115 -9.39 -31.39 4.31
CA SER A 115 -9.77 -32.79 4.43
C SER A 115 -11.12 -32.89 5.10
N LEU A 116 -11.69 -34.09 5.07
CA LEU A 116 -12.85 -34.42 5.86
C LEU A 116 -12.41 -34.77 7.27
N ILE A 117 -13.01 -34.12 8.25
CA ILE A 117 -12.71 -34.38 9.65
C ILE A 117 -13.98 -34.93 10.28
N TYR A 118 -13.87 -36.06 10.97
CA TYR A 118 -15.07 -36.72 11.50
C TYR A 118 -14.92 -37.17 12.95
N ASN A 119 -16.04 -37.15 13.67
CA ASN A 119 -16.12 -37.64 15.03
C ASN A 119 -16.25 -39.16 15.03
N LYS A 120 -15.22 -39.85 15.52
CA LYS A 120 -15.18 -41.32 15.54
C LYS A 120 -16.29 -41.99 16.36
N ASP A 121 -16.79 -41.28 17.38
CA ASP A 121 -17.84 -41.81 18.25
C ASP A 121 -19.21 -41.71 17.62
N LEU A 122 -19.47 -40.60 16.94
CA LEU A 122 -20.76 -40.39 16.29
C LEU A 122 -20.80 -41.11 14.95
N LEU A 123 -19.62 -41.31 14.36
CA LEU A 123 -19.51 -41.83 13.00
C LEU A 123 -18.23 -42.65 12.80
N PRO A 124 -18.27 -43.96 13.18
CA PRO A 124 -17.12 -44.85 13.00
C PRO A 124 -16.66 -44.99 11.54
N ASN A 125 -17.60 -45.00 10.60
CA ASN A 125 -17.30 -45.06 9.16
C ASN A 125 -17.79 -43.81 8.44
N PRO A 126 -16.88 -42.86 8.17
CA PRO A 126 -17.29 -41.66 7.46
C PRO A 126 -17.69 -42.00 6.00
N PRO A 127 -18.69 -41.28 5.45
CA PRO A 127 -19.19 -41.63 4.11
C PRO A 127 -18.16 -41.38 3.03
N LYS A 128 -18.15 -42.23 2.05
CA LYS A 128 -17.31 -42.10 0.90
C LYS A 128 -17.82 -41.07 -0.10
N THR A 129 -19.08 -40.77 -0.08
CA THR A 129 -19.72 -39.94 -1.11
C THR A 129 -20.55 -38.84 -0.47
N TRP A 130 -20.64 -37.69 -1.15
CA TRP A 130 -21.54 -36.63 -0.73
C TRP A 130 -23.00 -37.11 -0.71
N GLU A 131 -23.37 -37.92 -1.70
CA GLU A 131 -24.75 -38.40 -1.90
C GLU A 131 -25.34 -39.13 -0.68
N GLU A 132 -24.48 -39.76 0.11
CA GLU A 132 -24.86 -40.43 1.36
C GLU A 132 -25.26 -39.48 2.49
N ILE A 133 -24.70 -38.27 2.47
CA ILE A 133 -24.84 -37.30 3.59
C ILE A 133 -26.30 -36.94 3.92
N PRO A 134 -27.17 -36.71 2.91
CA PRO A 134 -28.59 -36.47 3.25
C PRO A 134 -29.22 -37.59 4.10
N ALA A 135 -29.04 -38.85 3.69
CA ALA A 135 -29.51 -40.00 4.46
C ALA A 135 -28.87 -40.08 5.85
N LEU A 136 -27.57 -39.76 5.90
CA LEU A 136 -26.80 -39.80 7.14
C LEU A 136 -27.20 -38.71 8.14
N ASP A 137 -27.59 -37.55 7.61
CA ASP A 137 -28.09 -36.46 8.44
C ASP A 137 -29.45 -36.78 9.04
N LYS A 138 -30.27 -37.51 8.28
CA LYS A 138 -31.58 -37.98 8.74
C LYS A 138 -31.43 -38.84 10.00
N GLU A 139 -30.57 -39.85 9.93
CA GLU A 139 -30.21 -40.69 11.09
C GLU A 139 -29.74 -39.86 12.28
N LEU A 140 -28.76 -38.98 12.05
CA LEU A 140 -28.11 -38.22 13.11
C LEU A 140 -29.01 -37.14 13.71
N LYS A 141 -29.97 -36.63 12.92
CA LYS A 141 -30.97 -35.68 13.43
C LYS A 141 -31.89 -36.31 14.48
N ALA A 142 -32.18 -37.61 14.31
CA ALA A 142 -32.96 -38.39 15.29
C ALA A 142 -32.28 -38.51 16.66
N LYS A 143 -30.95 -38.43 16.68
CA LYS A 143 -30.16 -38.43 17.92
C LYS A 143 -29.86 -37.02 18.44
N GLY A 144 -30.49 -35.99 17.86
CA GLY A 144 -30.27 -34.59 18.24
C GLY A 144 -28.93 -34.02 17.79
N LYS A 145 -28.31 -34.63 16.77
CA LYS A 145 -27.04 -34.18 16.19
C LYS A 145 -27.22 -33.83 14.70
N SER A 146 -26.13 -33.48 14.02
CA SER A 146 -26.13 -33.27 12.56
C SER A 146 -24.95 -33.96 11.90
N ALA A 147 -25.08 -34.24 10.60
CA ALA A 147 -24.03 -34.95 9.86
C ALA A 147 -22.81 -34.11 9.57
N LEU A 148 -23.02 -32.89 9.05
CA LEU A 148 -21.95 -32.05 8.51
C LEU A 148 -22.17 -30.57 8.76
N MET A 149 -21.16 -29.91 9.30
CA MET A 149 -21.11 -28.45 9.40
C MET A 149 -19.73 -27.94 9.02
N PHE A 150 -19.68 -27.10 7.99
CA PHE A 150 -18.44 -26.42 7.62
C PHE A 150 -18.74 -25.01 7.14
N ASN A 151 -17.69 -24.19 7.04
CA ASN A 151 -17.82 -22.81 6.62
C ASN A 151 -18.42 -22.64 5.22
N LEU A 152 -19.64 -22.10 5.14
CA LEU A 152 -20.29 -21.87 3.85
C LEU A 152 -20.08 -20.46 3.29
N GLN A 153 -19.39 -19.61 4.05
CA GLN A 153 -19.25 -18.19 3.71
C GLN A 153 -18.11 -17.89 2.75
N GLU A 154 -17.05 -18.70 2.83
CA GLU A 154 -15.89 -18.51 1.99
C GLU A 154 -15.78 -19.61 0.95
N PRO A 155 -15.66 -19.23 -0.33
CA PRO A 155 -15.62 -20.22 -1.44
C PRO A 155 -14.46 -21.23 -1.39
N TYR A 156 -13.38 -20.90 -0.65
CA TYR A 156 -12.27 -21.84 -0.39
C TYR A 156 -12.81 -23.17 0.13
N PHE A 157 -13.77 -23.08 1.06
CA PHE A 157 -14.32 -24.24 1.75
C PHE A 157 -15.35 -25.00 0.93
N THR A 158 -16.06 -24.30 0.05
CA THR A 158 -17.14 -24.91 -0.74
C THR A 158 -16.69 -25.37 -2.13
N TRP A 159 -15.62 -24.76 -2.64
CA TRP A 159 -15.05 -25.12 -3.93
C TRP A 159 -14.72 -26.62 -4.17
N PRO A 160 -14.23 -27.37 -3.15
CA PRO A 160 -13.94 -28.79 -3.41
C PRO A 160 -15.11 -29.57 -4.04
N LEU A 161 -16.33 -29.35 -3.53
CA LEU A 161 -17.55 -29.92 -4.07
C LEU A 161 -17.85 -29.38 -5.48
N ILE A 162 -17.77 -28.06 -5.64
CA ILE A 162 -18.06 -27.38 -6.91
C ILE A 162 -17.14 -27.88 -8.03
N ALA A 163 -15.86 -28.02 -7.71
CA ALA A 163 -14.86 -28.47 -8.68
C ALA A 163 -14.98 -29.95 -9.08
N ALA A 164 -15.58 -30.76 -8.22
CA ALA A 164 -15.57 -32.22 -8.36
C ALA A 164 -15.96 -32.75 -9.75
N ASP A 165 -17.06 -32.25 -10.30
CA ASP A 165 -17.61 -32.76 -11.56
C ASP A 165 -17.15 -32.00 -12.82
N GLY A 166 -16.13 -31.19 -12.66
CA GLY A 166 -15.75 -30.18 -13.65
C GLY A 166 -15.95 -28.84 -12.97
N GLY A 167 -15.35 -27.79 -13.49
CA GLY A 167 -15.37 -26.55 -12.74
C GLY A 167 -13.98 -26.29 -12.21
N TYR A 168 -13.46 -25.12 -12.57
CA TYR A 168 -12.07 -24.73 -12.35
C TYR A 168 -12.06 -23.20 -12.33
N ALA A 169 -10.95 -22.61 -11.86
CA ALA A 169 -10.83 -21.16 -11.82
C ALA A 169 -10.47 -20.63 -13.20
N PHE A 170 -9.23 -20.86 -13.61
CA PHE A 170 -8.76 -20.51 -14.96
C PHE A 170 -8.13 -21.74 -15.59
N LYS A 171 -8.37 -21.94 -16.89
CA LYS A 171 -7.83 -23.09 -17.61
C LYS A 171 -6.31 -22.99 -17.77
N TYR A 172 -5.61 -24.04 -17.31
CA TYR A 172 -4.16 -24.12 -17.39
C TYR A 172 -3.75 -24.89 -18.64
N ALA A 173 -2.81 -24.32 -19.40
CA ALA A 173 -2.28 -24.94 -20.63
C ALA A 173 -0.97 -24.28 -21.04
N ALA A 174 -0.02 -25.12 -21.47
CA ALA A 174 1.32 -24.69 -21.95
C ALA A 174 2.08 -23.78 -20.95
N GLY A 175 1.97 -24.12 -19.66
CA GLY A 175 2.62 -23.37 -18.59
C GLY A 175 1.98 -22.04 -18.20
N LYS A 176 0.78 -21.77 -18.73
CA LYS A 176 0.07 -20.50 -18.49
C LYS A 176 -1.39 -20.72 -18.12
N TYR A 177 -1.93 -19.81 -17.31
CA TYR A 177 -3.35 -19.76 -17.00
C TYR A 177 -4.05 -18.81 -17.96
N ASP A 178 -5.08 -19.32 -18.65
CA ASP A 178 -5.85 -18.50 -19.58
C ASP A 178 -6.88 -17.66 -18.84
N ILE A 179 -6.59 -16.37 -18.76
CA ILE A 179 -7.41 -15.34 -18.10
C ILE A 179 -8.85 -15.28 -18.66
N LYS A 180 -8.99 -15.54 -19.95
CA LYS A 180 -10.28 -15.45 -20.64
C LYS A 180 -11.14 -16.71 -20.49
N ASP A 181 -10.53 -17.83 -20.06
CA ASP A 181 -11.23 -19.09 -19.90
C ASP A 181 -11.50 -19.39 -18.42
N VAL A 182 -12.66 -18.94 -17.94
CA VAL A 182 -13.10 -19.20 -16.57
C VAL A 182 -14.04 -20.41 -16.57
N GLY A 183 -13.93 -21.27 -15.55
CA GLY A 183 -14.73 -22.50 -15.48
C GLY A 183 -15.74 -22.53 -14.36
N VAL A 184 -16.39 -21.39 -14.14
CA VAL A 184 -17.40 -21.23 -13.10
C VAL A 184 -18.79 -21.70 -13.62
N ASP A 185 -18.94 -21.69 -14.95
CA ASP A 185 -20.23 -21.77 -15.62
C ASP A 185 -20.65 -23.16 -16.12
N ASN A 186 -19.70 -24.09 -16.24
CA ASN A 186 -20.00 -25.41 -16.81
C ASN A 186 -20.99 -26.27 -16.01
N ALA A 187 -21.44 -27.36 -16.64
CA ALA A 187 -22.37 -28.32 -16.01
C ALA A 187 -21.82 -28.90 -14.71
N GLY A 188 -20.51 -29.19 -14.70
CA GLY A 188 -19.82 -29.69 -13.51
C GLY A 188 -19.98 -28.82 -12.28
N ALA A 189 -19.63 -27.54 -12.43
CA ALA A 189 -19.75 -26.58 -11.35
C ALA A 189 -21.21 -26.41 -10.92
N LYS A 190 -22.10 -26.41 -11.92
CA LYS A 190 -23.54 -26.29 -11.69
C LYS A 190 -24.09 -27.43 -10.81
N ALA A 191 -23.72 -28.67 -11.15
CA ALA A 191 -24.12 -29.85 -10.38
C ALA A 191 -23.63 -29.75 -8.93
N GLY A 192 -22.33 -29.44 -8.77
CA GLY A 192 -21.72 -29.28 -7.45
C GLY A 192 -22.48 -28.32 -6.55
N LEU A 193 -22.71 -27.10 -7.05
CA LEU A 193 -23.40 -26.07 -6.27
C LEU A 193 -24.86 -26.42 -6.03
N THR A 194 -25.49 -27.03 -7.03
CA THR A 194 -26.86 -27.55 -6.89
C THR A 194 -26.97 -28.47 -5.67
N PHE A 195 -26.07 -29.46 -5.59
CA PHE A 195 -26.04 -30.37 -4.46
C PHE A 195 -25.86 -29.65 -3.12
N LEU A 196 -24.97 -28.65 -3.10
CA LEU A 196 -24.77 -27.84 -1.90
C LEU A 196 -26.05 -27.12 -1.46
N VAL A 197 -26.75 -26.48 -2.40
CA VAL A 197 -27.96 -25.74 -2.06
C VAL A 197 -29.14 -26.69 -1.74
N ASP A 198 -29.20 -27.85 -2.40
CA ASP A 198 -30.14 -28.92 -2.05
C ASP A 198 -30.00 -29.37 -0.61
N LEU A 199 -28.75 -29.49 -0.14
CA LEU A 199 -28.46 -29.76 1.28
C LEU A 199 -29.01 -28.68 2.22
N ILE A 200 -28.95 -27.42 1.77
CA ILE A 200 -29.49 -26.31 2.55
C ILE A 200 -31.03 -26.30 2.56
N LYS A 201 -31.63 -26.45 1.37
CA LYS A 201 -33.09 -26.45 1.24
C LYS A 201 -33.72 -27.64 1.99
N ASN A 202 -33.04 -28.80 1.98
CA ASN A 202 -33.51 -29.99 2.71
C ASN A 202 -33.08 -30.02 4.18
N LYS A 203 -32.67 -28.86 4.70
CA LYS A 203 -32.36 -28.60 6.12
C LYS A 203 -31.20 -29.40 6.74
N HIS A 204 -30.42 -30.05 5.88
CA HIS A 204 -29.21 -30.74 6.30
C HIS A 204 -28.09 -29.77 6.67
N MET A 205 -28.11 -28.58 6.06
CA MET A 205 -27.14 -27.53 6.33
C MET A 205 -27.81 -26.17 6.44
N ASN A 206 -27.23 -25.31 7.26
CA ASN A 206 -27.72 -23.94 7.48
C ASN A 206 -26.88 -22.93 6.71
N ALA A 207 -27.53 -22.06 5.93
CA ALA A 207 -26.84 -21.10 5.03
C ALA A 207 -25.95 -20.07 5.73
N ASP A 208 -26.18 -19.86 7.03
CA ASP A 208 -25.46 -18.90 7.86
C ASP A 208 -24.20 -19.47 8.52
N THR A 209 -23.99 -20.77 8.37
CA THR A 209 -22.82 -21.43 8.97
C THR A 209 -21.51 -20.86 8.42
N ASP A 210 -20.71 -20.32 9.33
CA ASP A 210 -19.40 -19.77 9.03
C ASP A 210 -18.31 -20.61 9.71
N TYR A 211 -17.08 -20.12 9.68
CA TYR A 211 -15.94 -20.82 10.29
C TYR A 211 -16.12 -21.10 11.79
N SER A 212 -16.51 -20.09 12.55
CA SER A 212 -16.61 -20.17 14.01
C SER A 212 -17.74 -21.07 14.48
N ILE A 213 -18.89 -20.96 13.81
CA ILE A 213 -20.05 -21.79 14.13
C ILE A 213 -19.71 -23.27 13.88
N ALA A 214 -19.09 -23.54 12.72
CA ALA A 214 -18.69 -24.90 12.35
C ALA A 214 -17.61 -25.48 13.27
N GLU A 215 -16.65 -24.64 13.67
CA GLU A 215 -15.57 -25.08 14.55
C GLU A 215 -16.10 -25.38 15.95
N ALA A 216 -16.95 -24.48 16.46
CA ALA A 216 -17.59 -24.65 17.77
C ALA A 216 -18.41 -25.95 17.81
N ALA A 217 -19.30 -26.13 16.82
CA ALA A 217 -20.16 -27.30 16.71
C ALA A 217 -19.41 -28.63 16.69
N PHE A 218 -18.34 -28.69 15.90
CA PHE A 218 -17.57 -29.93 15.79
C PHE A 218 -16.74 -30.20 17.04
N ASN A 219 -16.06 -29.17 17.54
CA ASN A 219 -15.21 -29.31 18.72
C ASN A 219 -15.99 -29.55 20.00
N LYS A 220 -17.29 -29.24 19.99
CA LYS A 220 -18.20 -29.53 21.10
C LYS A 220 -19.01 -30.83 20.95
N GLY A 221 -18.77 -31.55 19.85
CA GLY A 221 -19.39 -32.86 19.63
C GLY A 221 -20.82 -32.84 19.11
N GLU A 222 -21.23 -31.72 18.50
CA GLU A 222 -22.61 -31.51 18.04
C GLU A 222 -22.85 -31.96 16.61
N THR A 223 -21.78 -32.07 15.83
CA THR A 223 -21.87 -32.49 14.44
C THR A 223 -20.81 -33.56 14.13
N ALA A 224 -21.18 -34.52 13.29
CA ALA A 224 -20.32 -35.68 13.03
C ALA A 224 -19.12 -35.36 12.15
N MET A 225 -19.29 -34.42 11.23
CA MET A 225 -18.25 -34.03 10.29
C MET A 225 -18.08 -32.52 10.18
N THR A 226 -16.86 -32.12 9.88
CA THR A 226 -16.56 -30.78 9.42
C THR A 226 -15.56 -30.90 8.27
N ILE A 227 -15.29 -29.78 7.60
CA ILE A 227 -14.28 -29.71 6.54
C ILE A 227 -13.34 -28.56 6.90
N ASN A 228 -12.09 -28.92 7.16
CA ASN A 228 -11.08 -27.95 7.56
C ASN A 228 -9.69 -28.42 7.22
N GLY A 229 -8.71 -27.54 7.48
CA GLY A 229 -7.31 -27.80 7.15
C GLY A 229 -6.44 -28.11 8.36
N PRO A 230 -5.14 -28.40 8.14
CA PRO A 230 -4.20 -28.74 9.22
C PRO A 230 -4.05 -27.69 10.34
N TRP A 231 -4.37 -26.43 10.04
CA TRP A 231 -4.33 -25.34 11.03
C TRP A 231 -5.39 -25.52 12.14
N ALA A 232 -6.43 -26.30 11.85
CA ALA A 232 -7.53 -26.47 12.77
C ALA A 232 -7.33 -27.60 13.79
N TRP A 233 -6.36 -28.47 13.54
CA TRP A 233 -6.15 -29.68 14.37
C TRP A 233 -5.81 -29.36 15.83
N SER A 234 -4.98 -28.34 16.02
CA SER A 234 -4.55 -27.91 17.36
C SER A 234 -5.75 -27.65 18.28
N ASN A 235 -6.75 -26.93 17.76
CA ASN A 235 -7.97 -26.67 18.52
C ASN A 235 -8.76 -27.92 18.86
N ILE A 236 -8.92 -28.82 17.89
CA ILE A 236 -9.64 -30.09 18.14
C ILE A 236 -8.86 -30.94 19.16
N ASP A 237 -7.54 -30.91 19.06
CA ASP A 237 -6.64 -31.57 20.03
C ASP A 237 -6.85 -31.15 21.50
N THR A 238 -7.41 -29.95 21.74
CA THR A 238 -7.73 -29.51 23.12
C THR A 238 -9.12 -29.97 23.61
N SER A 239 -9.96 -30.40 22.67
CA SER A 239 -11.33 -30.81 22.97
C SER A 239 -11.42 -32.28 23.37
N ALA A 240 -12.65 -32.71 23.71
CA ALA A 240 -12.94 -34.09 24.09
C ALA A 240 -13.24 -35.00 22.90
N VAL A 241 -13.17 -34.46 21.68
CA VAL A 241 -13.57 -35.20 20.48
C VAL A 241 -12.51 -36.20 20.03
N ASN A 242 -12.91 -37.46 19.91
CA ASN A 242 -12.11 -38.46 19.22
C ASN A 242 -12.39 -38.36 17.74
N TYR A 243 -11.38 -37.92 17.00
CA TYR A 243 -11.58 -37.58 15.60
C TYR A 243 -10.58 -38.24 14.67
N GLY A 244 -11.02 -38.45 13.43
CA GLY A 244 -10.14 -38.83 12.34
C GLY A 244 -10.14 -37.75 11.25
N VAL A 245 -9.18 -37.87 10.34
CA VAL A 245 -9.01 -36.96 9.21
C VAL A 245 -8.82 -37.87 7.99
N THR A 246 -9.73 -37.78 7.02
CA THR A 246 -9.78 -38.72 5.90
C THR A 246 -9.96 -38.03 4.54
N VAL A 247 -10.02 -38.83 3.47
CA VAL A 247 -10.29 -38.31 2.12
C VAL A 247 -11.67 -37.63 2.08
N LEU A 248 -11.76 -36.52 1.36
CA LEU A 248 -13.03 -35.82 1.18
C LEU A 248 -14.03 -36.70 0.42
N PRO A 249 -15.33 -36.59 0.72
CA PRO A 249 -16.32 -37.40 0.01
C PRO A 249 -16.27 -37.17 -1.50
N THR A 250 -16.59 -38.20 -2.28
CA THR A 250 -16.69 -38.04 -3.73
C THR A 250 -18.05 -37.46 -4.11
N PHE A 251 -18.10 -36.86 -5.29
CA PHE A 251 -19.36 -36.35 -5.87
C PHE A 251 -19.50 -36.83 -7.31
N LYS A 252 -20.65 -37.44 -7.60
CA LYS A 252 -20.90 -38.14 -8.87
C LYS A 252 -19.69 -39.02 -9.22
N GLY A 253 -19.24 -39.77 -8.23
CA GLY A 253 -18.09 -40.68 -8.35
C GLY A 253 -16.74 -40.05 -8.57
N GLN A 254 -16.67 -38.72 -8.54
CA GLN A 254 -15.39 -38.02 -8.72
C GLN A 254 -14.88 -37.43 -7.41
N PRO A 255 -13.53 -37.33 -7.25
CA PRO A 255 -12.98 -36.77 -6.01
C PRO A 255 -13.29 -35.28 -5.87
N SER A 256 -13.58 -34.84 -4.65
CA SER A 256 -13.64 -33.41 -4.34
C SER A 256 -12.25 -32.82 -4.58
N LYS A 257 -12.21 -31.62 -5.16
CA LYS A 257 -10.94 -31.01 -5.56
C LYS A 257 -10.67 -29.73 -4.75
N PRO A 258 -10.06 -29.89 -3.56
CA PRO A 258 -9.73 -28.69 -2.80
C PRO A 258 -8.56 -27.97 -3.45
N PHE A 259 -8.47 -26.67 -3.24
CA PHE A 259 -7.27 -25.96 -3.66
C PHE A 259 -6.09 -26.39 -2.80
N VAL A 260 -4.91 -26.39 -3.39
CA VAL A 260 -3.67 -26.82 -2.72
C VAL A 260 -2.79 -25.60 -2.52
N GLY A 261 -2.36 -25.36 -1.28
CA GLY A 261 -1.39 -24.32 -0.95
C GLY A 261 -0.03 -24.95 -0.70
N VAL A 262 0.99 -24.43 -1.37
CA VAL A 262 2.36 -24.93 -1.19
C VAL A 262 3.23 -23.82 -0.59
N LEU A 263 3.51 -23.93 0.72
CA LEU A 263 4.42 -23.02 1.41
C LEU A 263 5.78 -23.17 0.74
N SER A 264 6.32 -22.04 0.29
CA SER A 264 7.51 -22.04 -0.55
C SER A 264 8.50 -20.97 -0.12
N ALA A 265 9.77 -21.20 -0.49
CA ALA A 265 10.87 -20.28 -0.20
C ALA A 265 11.43 -19.71 -1.49
N GLY A 266 11.22 -18.40 -1.69
CA GLY A 266 11.71 -17.69 -2.86
C GLY A 266 12.94 -16.87 -2.56
N ILE A 267 13.78 -16.66 -3.58
CA ILE A 267 14.99 -15.84 -3.43
C ILE A 267 14.75 -14.47 -4.04
N ASN A 268 15.06 -13.42 -3.27
CA ASN A 268 14.95 -12.05 -3.75
C ASN A 268 15.84 -11.82 -4.97
N ALA A 269 15.24 -11.30 -6.04
CA ALA A 269 15.97 -10.97 -7.27
C ALA A 269 17.05 -9.92 -7.02
N ALA A 270 16.81 -9.07 -6.03
CA ALA A 270 17.76 -8.03 -5.61
C ALA A 270 18.73 -8.49 -4.49
N SER A 271 18.73 -9.78 -4.18
CA SER A 271 19.67 -10.32 -3.19
C SER A 271 21.06 -10.61 -3.79
N PRO A 272 22.13 -10.14 -3.12
CA PRO A 272 23.50 -10.46 -3.54
C PRO A 272 24.03 -11.82 -2.99
N ASN A 273 23.16 -12.58 -2.32
CA ASN A 273 23.54 -13.86 -1.70
C ASN A 273 22.81 -15.06 -2.30
N LYS A 274 22.64 -15.04 -3.62
CA LYS A 274 21.86 -16.04 -4.39
C LYS A 274 22.39 -17.47 -4.30
N GLU A 275 23.71 -17.63 -4.46
CA GLU A 275 24.34 -18.96 -4.44
C GLU A 275 24.50 -19.53 -3.03
N LEU A 276 24.42 -18.66 -2.02
CA LEU A 276 24.52 -19.10 -0.63
C LEU A 276 23.15 -19.33 0.01
N ALA A 277 22.11 -18.74 -0.58
CA ALA A 277 20.73 -19.07 -0.24
C ALA A 277 20.32 -20.42 -0.86
N LYS A 278 20.75 -20.65 -2.11
CA LYS A 278 20.64 -21.94 -2.80
C LYS A 278 21.28 -23.06 -1.97
N GLU A 279 22.48 -22.79 -1.47
CA GLU A 279 23.20 -23.67 -0.55
C GLU A 279 22.38 -23.99 0.71
N PHE A 280 21.85 -22.96 1.34
CA PHE A 280 21.13 -23.09 2.61
C PHE A 280 19.82 -23.86 2.47
N LEU A 281 19.08 -23.59 1.40
CA LEU A 281 17.77 -24.20 1.20
C LEU A 281 17.84 -25.64 0.71
N GLU A 282 18.74 -25.90 -0.23
CA GLU A 282 18.93 -27.25 -0.79
C GLU A 282 19.57 -28.26 0.18
N ASN A 283 20.59 -27.82 0.93
CA ASN A 283 21.42 -28.75 1.71
C ASN A 283 21.17 -28.78 3.22
N TYR A 284 20.54 -27.73 3.74
CA TYR A 284 20.33 -27.57 5.19
C TYR A 284 18.86 -27.58 5.60
N LEU A 285 18.00 -26.98 4.77
CA LEU A 285 16.57 -26.89 5.09
C LEU A 285 15.74 -28.01 4.50
N LEU A 286 15.95 -28.34 3.22
CA LEU A 286 15.22 -29.42 2.54
C LEU A 286 15.87 -30.79 2.74
N THR A 287 16.00 -31.15 4.02
CA THR A 287 16.50 -32.45 4.47
C THR A 287 15.60 -32.91 5.61
N ASP A 288 15.71 -34.20 5.96
CA ASP A 288 14.94 -34.80 7.05
C ASP A 288 15.15 -34.09 8.39
N GLU A 289 16.41 -33.86 8.76
CA GLU A 289 16.77 -33.12 9.98
C GLU A 289 16.41 -31.62 9.90
N GLY A 290 16.57 -31.05 8.71
CA GLY A 290 16.18 -29.66 8.42
C GLY A 290 14.70 -29.39 8.67
N LEU A 291 13.84 -30.18 8.02
CA LEU A 291 12.39 -30.02 8.18
C LEU A 291 11.90 -30.51 9.56
N GLU A 292 12.60 -31.51 10.13
CA GLU A 292 12.36 -32.00 11.51
C GLU A 292 12.51 -30.88 12.53
N ALA A 293 13.63 -30.15 12.45
CA ALA A 293 13.91 -29.02 13.34
C ALA A 293 12.81 -27.97 13.30
N VAL A 294 12.32 -27.67 12.09
CA VAL A 294 11.19 -26.75 11.90
C VAL A 294 9.87 -27.36 12.39
N ASN A 295 9.66 -28.64 12.08
CA ASN A 295 8.45 -29.38 12.45
C ASN A 295 8.24 -29.45 13.97
N LYS A 296 9.35 -29.56 14.72
CA LYS A 296 9.32 -29.63 16.19
C LYS A 296 8.88 -28.33 16.86
N ASP A 297 9.14 -27.19 16.21
CA ASP A 297 8.66 -25.89 16.70
C ASP A 297 7.14 -25.77 16.50
N LYS A 298 6.71 -25.63 15.24
CA LYS A 298 5.29 -25.70 14.86
C LYS A 298 5.18 -26.66 13.65
N PRO A 299 4.26 -27.64 13.73
CA PRO A 299 4.12 -28.67 12.69
C PRO A 299 3.82 -28.08 11.30
N LEU A 300 4.49 -28.64 10.29
CA LEU A 300 4.37 -28.19 8.91
C LEU A 300 3.13 -28.73 8.18
N GLY A 301 2.56 -29.81 8.71
CA GLY A 301 1.57 -30.59 7.99
C GLY A 301 2.29 -31.54 7.04
N ALA A 302 1.72 -31.73 5.84
CA ALA A 302 2.39 -32.45 4.76
C ALA A 302 3.58 -31.64 4.24
N VAL A 303 4.63 -32.33 3.80
CA VAL A 303 5.83 -31.67 3.24
C VAL A 303 6.11 -32.10 1.82
N ALA A 304 6.81 -31.24 1.07
CA ALA A 304 7.19 -31.52 -0.31
C ALA A 304 8.32 -32.55 -0.45
N LEU A 305 9.16 -32.67 0.58
CA LEU A 305 10.27 -33.61 0.58
C LEU A 305 9.80 -35.05 0.81
N LYS A 306 9.90 -35.87 -0.26
CA LYS A 306 9.44 -37.26 -0.27
C LYS A 306 9.87 -38.08 0.95
N SER A 307 11.17 -38.03 1.28
CA SER A 307 11.75 -38.83 2.37
C SER A 307 11.13 -38.50 3.73
N TYR A 308 11.04 -37.20 4.05
CA TYR A 308 10.41 -36.79 5.30
C TYR A 308 8.88 -36.92 5.28
N GLU A 309 8.29 -36.82 4.08
CA GLU A 309 6.84 -37.01 3.95
C GLU A 309 6.40 -38.44 4.27
N GLU A 310 7.21 -39.41 3.81
CA GLU A 310 7.00 -40.82 4.13
C GLU A 310 6.99 -41.08 5.64
N GLU A 311 7.81 -40.34 6.38
CA GLU A 311 7.83 -40.37 7.85
C GLU A 311 6.58 -39.76 8.47
N LEU A 312 6.26 -38.52 8.09
CA LEU A 312 5.09 -37.81 8.61
C LEU A 312 3.76 -38.52 8.30
N ALA A 313 3.63 -39.03 7.07
CA ALA A 313 2.43 -39.77 6.62
C ALA A 313 2.07 -41.00 7.48
N LYS A 314 2.96 -41.35 8.42
CA LYS A 314 2.65 -42.34 9.47
C LYS A 314 1.52 -41.84 10.38
N ASP A 315 1.42 -40.51 10.54
CA ASP A 315 0.22 -39.85 11.08
C ASP A 315 -0.85 -39.89 9.98
N PRO A 316 -1.99 -40.58 10.23
CA PRO A 316 -3.07 -40.70 9.23
C PRO A 316 -3.61 -39.35 8.77
N ARG A 317 -3.57 -38.36 9.65
CA ARG A 317 -4.01 -37.00 9.34
C ARG A 317 -3.16 -36.37 8.24
N ILE A 318 -1.84 -36.57 8.31
CA ILE A 318 -0.92 -36.06 7.27
C ILE A 318 -1.14 -36.83 5.97
N ALA A 319 -1.27 -38.15 6.07
CA ALA A 319 -1.59 -39.01 4.92
C ALA A 319 -2.82 -38.50 4.15
N ALA A 320 -3.89 -38.23 4.90
CA ALA A 320 -5.13 -37.69 4.36
C ALA A 320 -4.96 -36.31 3.69
N THR A 321 -4.14 -35.45 4.29
CA THR A 321 -3.85 -34.13 3.73
C THR A 321 -3.20 -34.24 2.36
N MET A 322 -2.16 -35.08 2.26
CA MET A 322 -1.46 -35.31 1.00
C MET A 322 -2.37 -35.92 -0.07
N GLU A 323 -3.16 -36.91 0.34
CA GLU A 323 -4.08 -37.60 -0.57
C GLU A 323 -5.10 -36.62 -1.19
N ASN A 324 -5.75 -35.83 -0.33
CA ASN A 324 -6.64 -34.75 -0.75
C ASN A 324 -5.92 -33.70 -1.59
N ALA A 325 -4.69 -33.36 -1.25
CA ALA A 325 -3.89 -32.43 -2.05
C ALA A 325 -3.63 -32.95 -3.47
N GLN A 326 -3.29 -34.24 -3.57
CA GLN A 326 -3.00 -34.86 -4.86
C GLN A 326 -4.23 -34.99 -5.74
N LYS A 327 -5.38 -35.26 -5.10
CA LYS A 327 -6.68 -35.21 -5.79
C LYS A 327 -7.17 -33.80 -6.09
N GLY A 328 -6.51 -32.81 -5.49
CA GLY A 328 -6.93 -31.44 -5.63
C GLY A 328 -6.30 -30.70 -6.80
N GLU A 329 -6.50 -29.40 -6.81
CA GLU A 329 -6.00 -28.53 -7.85
C GLU A 329 -5.09 -27.50 -7.19
N ILE A 330 -3.87 -27.36 -7.70
CA ILE A 330 -2.93 -26.34 -7.23
C ILE A 330 -3.61 -24.99 -7.38
N MET A 331 -3.53 -24.15 -6.36
CA MET A 331 -4.10 -22.82 -6.50
C MET A 331 -3.32 -21.99 -7.51
N PRO A 332 -4.01 -21.43 -8.53
CA PRO A 332 -3.35 -20.57 -9.52
C PRO A 332 -2.54 -19.46 -8.86
N ASN A 333 -1.35 -19.24 -9.41
CA ASN A 333 -0.40 -18.27 -8.86
C ASN A 333 -0.43 -16.93 -9.62
N ILE A 334 -1.64 -16.43 -9.87
CA ILE A 334 -1.82 -15.17 -10.62
C ILE A 334 -2.71 -14.22 -9.81
N PRO A 335 -2.48 -12.90 -9.92
CA PRO A 335 -3.30 -11.93 -9.16
C PRO A 335 -4.80 -11.96 -9.47
N GLN A 336 -5.16 -12.39 -10.69
CA GLN A 336 -6.56 -12.43 -11.14
C GLN A 336 -7.46 -13.44 -10.41
N MET A 337 -6.86 -14.24 -9.53
CA MET A 337 -7.61 -15.04 -8.55
C MET A 337 -8.54 -14.21 -7.64
N SER A 338 -8.14 -12.95 -7.35
CA SER A 338 -8.99 -12.03 -6.58
C SER A 338 -10.35 -11.82 -7.23
N ALA A 339 -10.37 -11.74 -8.57
CA ALA A 339 -11.60 -11.64 -9.35
C ALA A 339 -12.43 -12.91 -9.21
N PHE A 340 -11.77 -14.07 -9.35
CA PHE A 340 -12.41 -15.37 -9.19
C PHE A 340 -13.09 -15.46 -7.82
N TRP A 341 -12.32 -15.16 -6.77
CA TRP A 341 -12.79 -15.27 -5.37
C TRP A 341 -13.99 -14.38 -5.08
N TYR A 342 -13.92 -13.10 -5.46
CA TYR A 342 -15.02 -12.19 -5.18
C TYR A 342 -16.32 -12.66 -5.89
N ALA A 343 -16.21 -13.02 -7.17
CA ALA A 343 -17.36 -13.45 -7.97
C ALA A 343 -17.98 -14.75 -7.45
N VAL A 344 -17.13 -15.73 -7.10
CA VAL A 344 -17.60 -17.01 -6.58
C VAL A 344 -18.18 -16.85 -5.17
N ARG A 345 -17.55 -16.03 -4.32
CA ARG A 345 -18.10 -15.75 -2.98
C ARG A 345 -19.53 -15.22 -3.09
N THR A 346 -19.75 -14.25 -3.99
CA THR A 346 -21.08 -13.66 -4.22
C THR A 346 -22.05 -14.73 -4.70
N ALA A 347 -21.63 -15.52 -5.68
CA ALA A 347 -22.47 -16.58 -6.24
C ALA A 347 -22.94 -17.60 -5.19
N VAL A 348 -22.00 -18.10 -4.39
CA VAL A 348 -22.33 -19.12 -3.39
C VAL A 348 -23.26 -18.53 -2.33
N ILE A 349 -22.97 -17.33 -1.84
CA ILE A 349 -23.84 -16.66 -0.87
C ILE A 349 -25.26 -16.48 -1.45
N ASN A 350 -25.34 -15.96 -2.68
CA ASN A 350 -26.63 -15.73 -3.33
C ASN A 350 -27.41 -17.02 -3.59
N ALA A 351 -26.76 -18.04 -4.15
CA ALA A 351 -27.43 -19.33 -4.38
C ALA A 351 -27.90 -20.00 -3.09
N ALA A 352 -27.10 -19.89 -2.02
CA ALA A 352 -27.41 -20.50 -0.72
C ALA A 352 -28.60 -19.85 -0.03
N SER A 353 -28.71 -18.53 -0.19
CA SER A 353 -29.76 -17.72 0.43
C SER A 353 -31.05 -17.68 -0.40
N GLY A 354 -30.98 -18.12 -1.65
CA GLY A 354 -32.12 -18.07 -2.57
C GLY A 354 -32.25 -16.78 -3.37
N ARG A 355 -31.35 -15.82 -3.14
CA ARG A 355 -31.31 -14.55 -3.89
C ARG A 355 -31.09 -14.77 -5.40
N GLN A 356 -30.42 -15.86 -5.74
CA GLN A 356 -30.27 -16.28 -7.13
C GLN A 356 -30.44 -17.79 -7.23
N THR A 357 -30.88 -18.22 -8.42
CA THR A 357 -30.75 -19.59 -8.87
C THR A 357 -29.26 -19.94 -8.96
N VAL A 358 -28.93 -21.20 -8.73
CA VAL A 358 -27.59 -21.75 -8.98
C VAL A 358 -27.13 -21.38 -10.40
N ASP A 359 -27.99 -21.65 -11.39
CA ASP A 359 -27.77 -21.29 -12.78
C ASP A 359 -27.53 -19.79 -12.97
N ALA A 360 -28.34 -18.95 -12.32
CA ALA A 360 -28.18 -17.49 -12.38
C ALA A 360 -26.93 -17.00 -11.62
N ALA A 361 -26.66 -17.56 -10.44
CA ALA A 361 -25.50 -17.17 -9.64
C ALA A 361 -24.18 -17.46 -10.35
N LEU A 362 -24.05 -18.67 -10.90
CA LEU A 362 -22.84 -19.05 -11.64
C LEU A 362 -22.66 -18.32 -12.97
N ALA A 363 -23.76 -18.05 -13.69
CA ALA A 363 -23.73 -17.29 -14.94
C ALA A 363 -23.19 -15.88 -14.72
N ALA A 364 -23.68 -15.22 -13.67
CA ALA A 364 -23.21 -13.89 -13.34
C ALA A 364 -21.74 -13.93 -12.90
N ALA A 365 -21.38 -14.93 -12.08
CA ALA A 365 -20.01 -15.07 -11.58
C ALA A 365 -19.01 -15.25 -12.71
N GLN A 366 -19.31 -16.17 -13.64
CA GLN A 366 -18.50 -16.39 -14.85
C GLN A 366 -18.23 -15.10 -15.62
N THR A 367 -19.30 -14.37 -15.92
CA THR A 367 -19.24 -13.10 -16.65
C THR A 367 -18.42 -12.05 -15.89
N ASN A 368 -18.69 -11.91 -14.60
CA ASN A 368 -18.05 -10.88 -13.78
C ASN A 368 -16.57 -11.14 -13.52
N ALA A 369 -16.22 -12.41 -13.26
CA ALA A 369 -14.83 -12.79 -13.01
C ALA A 369 -13.98 -12.57 -14.24
N ALA A 370 -14.51 -12.94 -15.42
CA ALA A 370 -13.81 -12.73 -16.67
C ALA A 370 -13.64 -11.24 -16.99
N ARG A 371 -14.70 -10.45 -16.75
CA ARG A 371 -14.69 -9.00 -16.94
C ARG A 371 -13.61 -8.35 -16.04
N ALA A 372 -13.68 -8.63 -14.73
CA ALA A 372 -12.73 -8.10 -13.73
C ALA A 372 -11.26 -8.52 -13.96
N ALA A 373 -11.05 -9.75 -14.40
CA ALA A 373 -9.72 -10.23 -14.74
C ALA A 373 -9.19 -9.53 -15.98
N ALA A 374 -10.06 -9.27 -16.96
CA ALA A 374 -9.68 -8.54 -18.18
C ALA A 374 -9.31 -7.09 -17.87
N MET A 375 -10.11 -6.43 -17.01
CA MET A 375 -9.90 -5.03 -16.62
C MET A 375 -8.59 -4.87 -15.85
N SER A 376 -8.29 -5.81 -14.94
CA SER A 376 -7.08 -5.75 -14.13
C SER A 376 -5.82 -5.85 -14.98
N VAL A 377 -5.85 -6.67 -16.04
CA VAL A 377 -4.78 -6.70 -17.04
C VAL A 377 -4.64 -5.32 -17.72
N ALA A 378 -5.77 -4.75 -18.13
CA ALA A 378 -5.79 -3.44 -18.80
C ALA A 378 -5.24 -2.31 -17.91
N LEU A 379 -5.57 -2.36 -16.62
CA LEU A 379 -5.09 -1.39 -15.65
C LEU A 379 -3.57 -1.46 -15.41
N ALA A 380 -3.01 -2.67 -15.45
CA ALA A 380 -1.55 -2.85 -15.36
C ALA A 380 -0.83 -2.26 -16.58
N SER A 381 -1.42 -2.40 -17.77
CA SER A 381 -0.87 -1.81 -19.00
C SER A 381 -0.81 -0.29 -18.90
N GLU A 382 -1.94 0.29 -18.48
CA GLU A 382 -2.09 1.74 -18.34
C GLU A 382 -1.17 2.31 -17.28
N TYR A 383 -0.94 1.56 -16.19
CA TYR A 383 -0.03 2.00 -15.14
C TYR A 383 1.38 2.21 -15.66
N GLN A 384 1.82 1.32 -16.54
CA GLN A 384 3.12 1.42 -17.18
C GLN A 384 3.26 2.71 -17.99
N LEU A 385 2.20 3.07 -18.72
CA LEU A 385 2.16 4.32 -19.47
C LEU A 385 2.16 5.54 -18.55
N VAL A 386 1.54 5.40 -17.37
CA VAL A 386 1.53 6.45 -16.35
C VAL A 386 2.96 6.66 -15.82
N GLN A 387 3.62 5.58 -15.40
CA GLN A 387 4.98 5.66 -14.87
C GLN A 387 5.97 6.25 -15.88
N ASN A 388 5.72 5.98 -17.17
CA ASN A 388 6.62 6.40 -18.24
C ASN A 388 6.24 7.71 -18.92
N ALA A 389 5.14 8.33 -18.48
CA ALA A 389 4.62 9.54 -19.11
C ALA A 389 5.60 10.71 -19.05
N GLN A 390 5.60 11.51 -20.11
CA GLN A 390 6.53 12.61 -20.27
C GLN A 390 5.79 13.93 -20.22
N LEU A 391 6.45 14.95 -19.68
CA LEU A 391 5.90 16.29 -19.66
C LEU A 391 5.77 16.84 -21.08
N PRO A 392 4.78 17.71 -21.33
CA PRO A 392 4.72 18.36 -22.66
C PRO A 392 6.07 18.99 -23.03
N GLN A 393 6.54 18.78 -24.26
CA GLN A 393 7.90 19.17 -24.62
C GLN A 393 8.07 20.69 -24.75
N ARG A 394 8.84 21.24 -23.81
CA ARG A 394 9.24 22.65 -23.84
C ARG A 394 10.72 22.77 -24.11
N TRP A 395 11.46 21.69 -23.85
CA TRP A 395 12.91 21.67 -23.99
C TRP A 395 13.34 21.57 -25.43
N SER A 396 14.37 22.35 -25.77
CA SER A 396 15.15 22.26 -27.00
C SER A 396 16.48 22.96 -26.72
N GLN A 397 17.48 22.71 -27.57
CA GLN A 397 18.78 23.39 -27.46
C GLN A 397 18.65 24.92 -27.56
N SER A 398 17.84 25.41 -28.51
CA SER A 398 17.61 26.86 -28.63
C SER A 398 16.79 27.46 -27.49
N ALA A 399 15.87 26.69 -26.93
CA ALA A 399 15.06 27.15 -25.79
C ALA A 399 15.88 27.28 -24.50
N ARG A 400 16.74 26.29 -24.23
CA ARG A 400 17.57 26.33 -23.04
C ARG A 400 18.63 27.42 -23.10
N LYS A 401 19.13 27.71 -24.29
CA LYS A 401 20.09 28.78 -24.50
C LYS A 401 19.43 30.13 -24.21
N SER A 402 18.27 30.35 -24.84
CA SER A 402 17.40 31.49 -24.59
C SER A 402 17.09 31.68 -23.10
N LEU A 403 16.68 30.60 -22.44
CA LEU A 403 16.35 30.66 -21.01
C LEU A 403 17.58 30.97 -20.14
N ALA A 404 18.73 30.39 -20.51
CA ALA A 404 19.98 30.64 -19.79
C ALA A 404 20.40 32.12 -19.81
N ILE A 405 20.22 32.79 -20.97
CA ILE A 405 20.46 34.23 -21.12
C ILE A 405 19.55 35.03 -20.17
N LEU A 406 18.24 34.70 -20.20
CA LEU A 406 17.26 35.35 -19.31
C LEU A 406 17.64 35.15 -17.85
N GLU A 407 17.97 33.91 -17.49
CA GLU A 407 18.39 33.59 -16.13
C GLU A 407 19.68 34.33 -15.74
N ALA A 408 20.64 34.40 -16.67
CA ALA A 408 21.89 35.14 -16.44
C ALA A 408 21.65 36.64 -16.22
N THR A 409 20.76 37.24 -17.00
CA THR A 409 20.37 38.65 -16.85
C THR A 409 19.76 38.88 -15.45
N ALA A 410 18.88 37.97 -15.06
CA ALA A 410 18.17 38.06 -13.78
C ALA A 410 19.12 37.92 -12.58
N ARG A 411 20.19 37.14 -12.74
CA ARG A 411 21.22 36.99 -11.70
C ARG A 411 21.99 38.28 -11.46
N LYS A 412 22.26 39.01 -12.54
CA LYS A 412 22.91 40.32 -12.46
C LYS A 412 22.00 41.35 -11.79
N GLU A 413 20.73 41.39 -12.21
CA GLU A 413 19.71 42.21 -11.53
C GLU A 413 19.66 41.91 -10.03
N ALA A 414 19.56 40.61 -9.71
CA ALA A 414 19.51 40.18 -8.31
C ALA A 414 20.75 40.58 -7.52
N THR A 415 21.91 40.53 -8.16
CA THR A 415 23.18 40.97 -7.55
C THR A 415 23.20 42.49 -7.31
N ALA A 416 22.83 43.25 -8.35
CA ALA A 416 22.75 44.71 -8.27
C ALA A 416 21.78 45.16 -7.17
N GLN A 417 20.64 44.48 -7.08
CA GLN A 417 19.64 44.72 -6.07
C GLN A 417 20.18 44.42 -4.67
N MET A 418 20.95 43.33 -4.54
CA MET A 418 21.59 42.92 -3.28
C MET A 418 22.62 43.95 -2.81
N GLU A 419 23.39 44.47 -3.77
CA GLU A 419 24.41 45.48 -3.53
C GLU A 419 23.77 46.75 -2.95
N ALA A 420 22.73 47.22 -3.64
CA ALA A 420 21.99 48.42 -3.27
C ALA A 420 21.37 48.34 -1.88
N ALA A 421 20.91 47.15 -1.49
CA ALA A 421 20.18 46.97 -0.22
C ALA A 421 21.06 46.54 0.97
N GLY A 422 22.34 46.26 0.71
CA GLY A 422 23.26 45.84 1.76
C GLY A 422 23.21 44.36 2.09
N GLY A 423 22.54 43.57 1.26
CA GLY A 423 22.45 42.12 1.44
C GLY A 423 21.15 41.54 0.91
N SER A 424 20.92 40.26 1.21
CA SER A 424 19.76 39.52 0.72
C SER A 424 18.64 39.46 1.75
N PHE A 425 17.40 39.49 1.26
CA PHE A 425 16.21 39.48 2.10
C PHE A 425 15.13 38.55 1.57
N CYS A 426 14.48 37.84 2.48
CA CYS A 426 13.23 37.14 2.16
C CYS A 426 12.18 37.86 2.98
N GLY A 427 11.38 38.68 2.30
CA GLY A 427 10.50 39.63 2.97
C GLY A 427 11.38 40.62 3.70
N GLN A 428 11.23 40.70 5.03
CA GLN A 428 12.09 41.53 5.86
C GLN A 428 13.25 40.75 6.48
N PHE A 429 13.26 39.42 6.31
CA PHE A 429 14.27 38.58 6.96
C PHE A 429 15.61 38.62 6.21
N PRO A 430 16.68 39.04 6.92
CA PRO A 430 18.02 39.03 6.31
C PRO A 430 18.47 37.62 6.04
N VAL A 431 18.88 37.36 4.80
CA VAL A 431 19.27 36.01 4.40
C VAL A 431 20.78 35.97 4.23
N ASP A 432 21.44 35.14 5.03
CA ASP A 432 22.88 34.93 4.89
C ASP A 432 23.20 33.43 4.99
N PRO A 433 23.54 32.78 3.84
CA PRO A 433 23.82 31.34 3.84
C PRO A 433 25.10 30.91 4.59
N ALA A 434 25.93 31.87 5.00
CA ALA A 434 27.07 31.56 5.86
C ALA A 434 26.62 31.07 7.24
N PHE A 435 25.39 31.39 7.63
CA PHE A 435 24.86 31.04 8.94
C PHE A 435 23.66 30.07 8.88
N LYS A 436 23.51 29.26 9.92
CA LYS A 436 22.35 28.40 10.09
C LYS A 436 21.41 29.03 11.12
N VAL A 437 20.14 29.21 10.74
CA VAL A 437 19.17 29.91 11.60
C VAL A 437 18.58 28.96 12.65
N LEU A 438 19.14 28.97 13.85
CA LEU A 438 18.69 28.08 14.93
C LEU A 438 17.48 28.61 15.71
N SER A 439 17.38 29.92 15.85
CA SER A 439 16.19 30.56 16.36
C SER A 439 16.00 31.88 15.64
N LEU A 440 14.77 32.39 15.63
CA LEU A 440 14.43 33.61 14.90
C LEU A 440 13.22 34.31 15.51
N GLU A 441 13.13 35.62 15.27
CA GLU A 441 12.08 36.47 15.82
C GLU A 441 11.10 36.88 14.73
N TYR A 442 9.82 36.87 15.08
CA TYR A 442 8.71 37.34 14.25
C TYR A 442 8.06 38.52 14.94
N SER A 443 7.68 39.54 14.17
CA SER A 443 6.85 40.63 14.71
C SER A 443 5.46 40.65 14.09
N ALA A 444 4.46 41.00 14.89
CA ALA A 444 3.09 41.15 14.41
C ALA A 444 2.64 42.59 14.64
N PRO A 445 3.07 43.52 13.78
CA PRO A 445 2.71 44.93 14.01
C PRO A 445 1.25 45.29 13.62
N ASN A 446 0.54 44.35 13.00
CA ASN A 446 -0.84 44.55 12.55
C ASN A 446 -1.61 43.21 12.46
N PRO A 447 -2.93 43.24 12.11
CA PRO A 447 -3.67 41.98 12.04
C PRO A 447 -3.30 41.04 10.88
N ASP A 448 -2.34 41.41 10.04
CA ASP A 448 -1.86 40.50 8.99
C ASP A 448 -0.95 39.43 9.61
N ILE A 449 -0.39 38.55 8.78
CA ILE A 449 0.51 37.50 9.27
C ILE A 449 1.77 38.12 9.88
N ALA A 450 2.22 37.49 10.96
CA ALA A 450 3.45 37.83 11.62
C ALA A 450 4.62 37.63 10.65
N ARG A 451 5.63 38.50 10.76
CA ARG A 451 6.68 38.55 9.76
C ARG A 451 8.04 38.20 10.37
N ALA A 452 8.81 37.35 9.68
CA ALA A 452 10.17 37.02 10.12
C ALA A 452 11.09 38.22 9.94
N ILE A 453 11.68 38.67 11.05
CA ILE A 453 12.44 39.92 11.03
C ILE A 453 13.93 39.77 11.34
N ARG A 454 14.28 38.81 12.21
CA ARG A 454 15.63 38.74 12.78
C ARG A 454 16.08 37.32 13.11
N ARG A 455 17.29 36.97 12.64
CA ARG A 455 18.00 35.78 13.09
C ARG A 455 18.47 35.98 14.54
N VAL A 456 18.09 35.05 15.42
CA VAL A 456 18.50 35.15 16.83
C VAL A 456 19.69 34.25 17.20
N ASP A 457 19.54 32.94 17.14
CA ASP A 457 20.64 32.00 17.36
C ASP A 457 21.11 31.42 16.04
N SER A 458 22.41 31.19 15.92
CA SER A 458 23.02 30.59 14.76
C SER A 458 24.27 29.77 15.05
N VAL A 459 24.62 28.90 14.10
CA VAL A 459 25.96 28.30 14.00
C VAL A 459 26.42 28.52 12.56
N PRO A 460 27.74 28.43 12.30
CA PRO A 460 28.23 28.39 10.91
C PRO A 460 27.50 27.29 10.14
N ASN A 461 27.10 27.60 8.90
CA ASN A 461 26.23 26.72 8.13
C ASN A 461 27.02 25.51 7.62
N PRO A 462 26.62 24.29 8.03
CA PRO A 462 27.31 23.07 7.58
C PRO A 462 27.35 22.97 6.04
N PRO A 463 28.43 22.38 5.49
CA PRO A 463 28.49 22.27 4.02
C PRO A 463 27.44 21.28 3.51
N LEU A 464 27.15 21.32 2.22
CA LEU A 464 26.31 20.30 1.61
C LEU A 464 26.96 18.93 1.80
N PRO A 465 26.14 17.88 2.06
CA PRO A 465 26.68 16.51 1.99
C PRO A 465 27.21 16.18 0.58
N SER A 466 28.09 15.19 0.50
CA SER A 466 28.83 14.91 -0.75
C SER A 466 27.95 14.50 -1.95
N HIS A 467 26.80 13.90 -1.67
CA HIS A 467 25.91 13.44 -2.74
C HIS A 467 24.93 14.50 -3.28
N VAL A 468 25.04 15.74 -2.80
CA VAL A 468 24.16 16.84 -3.21
C VAL A 468 25.03 17.98 -3.74
N VAL A 469 24.81 18.38 -4.99
CA VAL A 469 25.65 19.41 -5.61
C VAL A 469 24.78 20.59 -6.10
N ALA A 470 25.12 21.80 -5.64
CA ALA A 470 24.52 23.02 -6.20
C ALA A 470 24.95 23.20 -7.64
N ILE A 471 23.99 23.45 -8.51
CA ILE A 471 24.26 23.62 -9.93
C ILE A 471 24.69 25.06 -10.16
N GLN A 472 25.85 25.25 -10.77
CA GLN A 472 26.41 26.59 -11.01
C GLN A 472 25.97 27.19 -12.34
N SER A 473 25.93 26.35 -13.38
CA SER A 473 25.69 26.79 -14.76
C SER A 473 24.24 27.18 -15.01
N THR A 474 24.06 28.29 -15.72
CA THR A 474 22.74 28.73 -16.18
C THR A 474 22.17 27.81 -17.26
N ALA A 475 23.05 27.19 -18.05
CA ALA A 475 22.66 26.28 -19.12
C ALA A 475 22.04 25.01 -18.55
N VAL A 476 22.63 24.51 -17.47
CA VAL A 476 22.16 23.30 -16.81
C VAL A 476 20.85 23.61 -16.08
N ASP A 477 20.82 24.77 -15.42
CA ASP A 477 19.60 25.30 -14.78
C ASP A 477 18.45 25.27 -15.78
N ALA A 478 18.68 25.86 -16.95
CA ALA A 478 17.66 25.94 -18.00
C ALA A 478 17.31 24.58 -18.60
N ASP A 479 18.29 23.67 -18.69
CA ASP A 479 18.05 22.30 -19.14
C ASP A 479 17.00 21.64 -18.26
N LEU A 480 17.27 21.67 -16.95
CA LEU A 480 16.42 21.02 -15.98
C LEU A 480 15.08 21.75 -15.87
N SER A 481 15.13 23.08 -15.85
CA SER A 481 13.90 23.87 -15.79
C SER A 481 12.91 23.47 -16.91
N LEU A 482 13.40 23.45 -18.14
CA LEU A 482 12.56 23.11 -19.28
C LEU A 482 12.12 21.65 -19.33
N ALA A 483 12.99 20.72 -18.91
CA ALA A 483 12.64 19.29 -18.99
C ALA A 483 11.77 18.83 -17.83
N MET A 484 11.88 19.52 -16.69
CA MET A 484 11.23 19.06 -15.48
C MET A 484 10.00 19.89 -15.10
N GLY A 485 9.64 20.88 -15.92
CA GLY A 485 8.52 21.77 -15.62
C GLY A 485 8.65 22.49 -14.29
N VAL A 486 9.79 23.14 -14.09
CA VAL A 486 10.08 23.92 -12.88
C VAL A 486 10.54 25.29 -13.34
N SER A 487 9.90 26.34 -12.83
CA SER A 487 10.20 27.70 -13.23
C SER A 487 10.25 28.57 -11.98
N LEU A 488 11.38 28.51 -11.28
CA LEU A 488 11.57 29.28 -10.04
C LEU A 488 11.88 30.75 -10.34
N THR A 489 11.78 31.59 -9.32
CA THR A 489 12.04 33.04 -9.48
C THR A 489 13.38 33.27 -10.18
N PRO A 490 13.35 33.90 -11.36
CA PRO A 490 14.55 34.14 -12.15
C PRO A 490 15.64 34.85 -11.34
N GLY A 491 16.84 34.26 -11.35
CA GLY A 491 18.01 34.85 -10.71
C GLY A 491 18.06 34.81 -9.19
N ARG A 492 17.06 34.16 -8.59
CA ARG A 492 16.86 34.16 -7.14
C ARG A 492 16.53 32.78 -6.58
N HIS A 493 17.19 31.76 -7.13
CA HIS A 493 16.95 30.40 -6.72
C HIS A 493 18.23 29.57 -6.86
N THR A 494 18.27 28.44 -6.18
CA THR A 494 19.34 27.46 -6.39
C THR A 494 18.73 26.11 -6.78
N SER A 495 19.35 25.45 -7.78
CA SER A 495 19.04 24.09 -8.16
C SER A 495 20.17 23.15 -7.70
N TYR A 496 19.78 21.95 -7.30
CA TYR A 496 20.71 20.93 -6.84
C TYR A 496 20.47 19.61 -7.56
N LEU A 497 21.55 18.86 -7.77
CA LEU A 497 21.48 17.47 -8.20
C LEU A 497 21.85 16.56 -7.05
N VAL A 498 21.03 15.54 -6.85
CA VAL A 498 21.21 14.59 -5.76
C VAL A 498 21.37 13.20 -6.37
N ASP A 499 22.48 12.55 -6.03
CA ASP A 499 22.77 11.16 -6.44
C ASP A 499 21.68 10.23 -5.88
N ALA A 500 20.98 9.55 -6.78
CA ALA A 500 19.84 8.70 -6.38
C ALA A 500 20.20 7.55 -5.42
N ARG A 501 21.34 6.88 -5.66
CA ARG A 501 21.79 5.79 -4.78
C ARG A 501 22.00 6.28 -3.36
N ALA A 502 22.76 7.37 -3.24
CA ALA A 502 23.10 7.95 -1.95
C ALA A 502 21.87 8.51 -1.23
N LEU A 503 20.94 9.09 -2.00
CA LEU A 503 19.67 9.55 -1.48
C LEU A 503 18.92 8.41 -0.77
N GLN A 504 18.85 7.24 -1.42
CA GLN A 504 18.17 6.07 -0.83
C GLN A 504 18.91 5.59 0.44
N GLN A 505 20.23 5.47 0.36
CA GLN A 505 21.06 5.16 1.55
C GLN A 505 20.81 6.12 2.73
N SER A 506 20.78 7.42 2.45
CA SER A 506 20.54 8.42 3.49
C SER A 506 19.12 8.35 4.07
N ASN A 507 18.13 8.03 3.23
CA ASN A 507 16.78 7.74 3.69
C ASN A 507 16.77 6.65 4.77
N SER A 508 17.48 5.55 4.49
CA SER A 508 17.60 4.41 5.41
C SER A 508 18.26 4.81 6.72
N ALA A 509 19.35 5.57 6.61
CA ALA A 509 20.09 6.08 7.76
C ALA A 509 19.16 6.95 8.62
N ALA A 510 18.38 7.81 7.97
CA ALA A 510 17.45 8.68 8.69
C ALA A 510 16.38 7.90 9.46
N VAL A 511 15.82 6.87 8.83
CA VAL A 511 14.83 6.00 9.47
C VAL A 511 15.47 5.25 10.65
N ALA A 512 16.67 4.73 10.45
CA ALA A 512 17.44 4.07 11.50
C ALA A 512 17.64 4.97 12.72
N ALA A 513 18.04 6.22 12.47
CA ALA A 513 18.28 7.20 13.53
C ALA A 513 17.02 7.45 14.36
N ARG A 514 15.88 7.60 13.69
CA ARG A 514 14.59 7.81 14.36
C ARG A 514 14.15 6.60 15.19
N LYS A 515 14.32 5.41 14.63
CA LYS A 515 14.11 4.16 15.36
C LYS A 515 15.02 4.10 16.60
N ALA A 516 16.32 4.34 16.42
CA ALA A 516 17.28 4.28 17.53
C ALA A 516 16.89 5.26 18.65
N ASP A 517 16.41 6.44 18.25
CA ASP A 517 15.94 7.46 19.20
C ASP A 517 14.62 7.09 19.93
N GLY A 518 14.00 6.00 19.51
CA GLY A 518 12.70 5.56 20.06
C GLY A 518 11.55 6.39 19.52
N ASP A 519 11.44 6.45 18.19
CA ASP A 519 10.35 7.12 17.45
C ASP A 519 10.11 8.57 17.89
N LYS A 520 11.18 9.37 17.85
CA LYS A 520 11.24 10.67 18.51
C LYS A 520 12.48 11.39 18.01
N TRP A 521 12.49 12.72 18.12
CA TRP A 521 13.71 13.50 17.93
C TRP A 521 14.56 13.36 19.18
N GLY A 522 15.57 12.50 19.11
CA GLY A 522 16.56 12.36 20.18
C GLY A 522 17.97 12.52 19.63
N PRO A 523 18.97 11.96 20.34
CA PRO A 523 20.39 12.19 19.98
C PRO A 523 20.77 11.81 18.55
N ALA A 524 20.27 10.69 18.03
CA ALA A 524 20.63 10.23 16.67
C ALA A 524 20.07 11.10 15.55
N CYS A 525 18.83 11.58 15.70
CA CYS A 525 18.24 12.52 14.75
C CYS A 525 18.94 13.88 14.83
N ASP A 526 19.30 14.28 16.05
CA ASP A 526 20.03 15.52 16.28
C ASP A 526 21.39 15.53 15.56
N GLU A 527 22.10 14.40 15.61
CA GLU A 527 23.40 14.27 14.94
C GLU A 527 23.29 14.43 13.42
N MET A 528 22.27 13.81 12.83
CA MET A 528 21.94 14.04 11.42
C MET A 528 21.65 15.52 11.16
N PHE A 529 20.80 16.11 12.01
CA PHE A 529 20.43 17.52 11.88
C PHE A 529 21.63 18.45 11.87
N ARG A 530 22.59 18.20 12.77
CA ARG A 530 23.85 18.98 12.84
C ARG A 530 24.65 18.96 11.53
N GLY A 531 24.43 17.95 10.70
CA GLY A 531 25.03 17.90 9.36
C GLY A 531 24.20 18.51 8.25
N CYS A 532 22.99 18.99 8.56
CA CYS A 532 22.12 19.57 7.54
C CYS A 532 22.42 21.04 7.33
N ARG A 533 22.51 21.42 6.07
CA ARG A 533 22.73 22.79 5.66
C ARG A 533 21.43 23.57 5.68
N CYS A 534 21.47 24.77 6.27
CA CYS A 534 20.34 25.69 6.32
C CYS A 534 20.11 26.37 4.96
N VAL A 535 18.86 26.34 4.50
CA VAL A 535 18.45 27.05 3.29
C VAL A 535 17.26 27.99 3.60
N THR A 536 17.16 28.40 4.87
CA THR A 536 16.17 29.37 5.32
C THR A 536 16.22 30.61 4.45
N GLY A 537 15.06 30.95 3.89
CA GLY A 537 14.90 32.15 3.07
C GLY A 537 15.20 31.93 1.61
N GLN A 538 15.66 30.74 1.24
CA GLN A 538 16.00 30.42 -0.15
C GLN A 538 14.80 29.83 -0.92
N GLU A 539 14.83 30.01 -2.23
CA GLU A 539 13.97 29.32 -3.14
C GLU A 539 14.88 28.28 -3.86
N VAL A 540 14.57 26.99 -3.66
CA VAL A 540 15.44 25.90 -4.13
C VAL A 540 14.65 24.79 -4.82
N VAL A 541 15.34 24.03 -5.68
CA VAL A 541 14.81 22.80 -6.27
C VAL A 541 15.87 21.69 -6.24
N PHE A 542 15.44 20.48 -5.87
CA PHE A 542 16.28 19.29 -5.83
C PHE A 542 15.83 18.29 -6.90
N TYR A 543 16.74 18.02 -7.83
CA TYR A 543 16.57 16.96 -8.80
C TYR A 543 17.41 15.75 -8.38
N THR A 544 16.80 14.57 -8.39
CA THR A 544 17.57 13.34 -8.23
C THR A 544 17.98 12.77 -9.60
N ALA A 545 19.18 12.21 -9.67
CA ALA A 545 19.71 11.64 -10.91
C ALA A 545 19.93 10.13 -10.74
N VAL A 546 19.18 9.35 -11.51
CA VAL A 546 19.29 7.89 -11.50
C VAL A 546 20.19 7.48 -12.66
N LYS A 547 21.19 6.68 -12.39
CA LYS A 547 22.03 6.14 -13.41
C LYS A 547 21.41 4.98 -14.10
N GLU A 548 21.58 4.92 -15.41
CA GLU A 548 21.01 3.81 -16.15
C GLU A 548 21.71 2.50 -15.79
N PRO A 549 20.94 1.46 -15.56
CA PRO A 549 21.48 0.16 -15.24
C PRO A 549 22.00 -0.56 -16.46
N SER A 559 16.26 -0.63 -7.26
CA SER A 559 16.17 0.80 -6.95
C SER A 559 14.76 1.27 -6.59
N LEU A 560 14.72 2.29 -5.73
CA LEU A 560 13.52 2.99 -5.31
C LEU A 560 12.80 3.70 -6.47
N PHE A 561 13.59 4.18 -7.42
CA PHE A 561 13.11 4.94 -8.57
C PHE A 561 13.00 4.08 -9.82
N LYS A 562 11.97 4.34 -10.63
CA LYS A 562 11.71 3.54 -11.83
C LYS A 562 11.64 4.36 -13.13
N PRO A 563 12.77 4.98 -13.56
CA PRO A 563 12.71 5.64 -14.85
C PRO A 563 12.77 4.64 -16.01
N SER A 564 12.07 4.97 -17.09
CA SER A 564 12.12 4.18 -18.31
C SER A 564 13.25 4.73 -19.15
N PHE A 565 14.32 3.95 -19.24
CA PHE A 565 15.45 4.34 -20.08
C PHE A 565 15.22 4.07 -21.57
N ASP A 566 14.03 3.56 -21.91
CA ASP A 566 13.58 3.49 -23.30
C ASP A 566 12.94 4.80 -23.79
N GLY A 567 12.63 5.69 -22.85
CA GLY A 567 12.02 6.99 -23.15
C GLY A 567 12.88 7.91 -24.01
N PRO A 568 12.27 8.99 -24.55
CA PRO A 568 13.02 9.97 -25.35
C PRO A 568 14.16 10.64 -24.57
N ALA A 569 15.30 10.81 -25.22
CA ALA A 569 16.48 11.41 -24.60
C ALA A 569 16.67 12.84 -25.08
N PHE A 570 17.11 13.70 -24.16
CA PHE A 570 17.57 15.04 -24.50
C PHE A 570 19.10 15.06 -24.34
N ARG A 571 19.75 15.97 -25.08
CA ARG A 571 21.18 16.16 -24.98
C ARG A 571 21.53 17.24 -23.93
N PRO A 572 22.07 16.83 -22.76
CA PRO A 572 22.42 17.78 -21.71
C PRO A 572 23.64 18.61 -22.07
N SER A 573 23.71 19.83 -21.55
CA SER A 573 24.92 20.66 -21.70
C SER A 573 26.01 20.19 -20.75
N TRP A 574 25.59 19.64 -19.60
CA TRP A 574 26.50 19.00 -18.66
C TRP A 574 26.61 17.50 -18.95
N GLY A 575 27.80 17.07 -19.36
CA GLY A 575 28.07 15.68 -19.71
C GLY A 575 27.86 14.68 -18.57
N GLU A 576 27.96 15.16 -17.33
CA GLU A 576 27.75 14.35 -16.13
CA GLU A 576 27.75 14.33 -16.13
C GLU A 576 26.29 13.84 -15.98
N LEU A 577 25.39 14.40 -16.79
CA LEU A 577 23.98 13.95 -16.81
C LEU A 577 23.72 12.79 -17.75
N SER A 578 24.66 12.55 -18.68
CA SER A 578 24.52 11.51 -19.70
C SER A 578 24.44 10.12 -19.09
N GLY A 579 23.52 9.31 -19.60
CA GLY A 579 23.23 7.98 -19.06
C GLY A 579 22.51 8.03 -17.72
N LYS A 580 21.78 9.13 -17.50
CA LYS A 580 21.03 9.35 -16.26
C LYS A 580 19.63 9.90 -16.53
N ALA A 581 18.71 9.63 -15.62
CA ALA A 581 17.38 10.22 -15.63
C ALA A 581 17.19 11.15 -14.44
N THR A 582 16.59 12.30 -14.68
CA THR A 582 16.29 13.27 -13.60
C THR A 582 14.80 13.32 -13.23
N GLY A 583 14.53 13.46 -11.93
CA GLY A 583 13.19 13.67 -11.41
C GLY A 583 13.24 14.71 -10.29
N VAL A 584 12.11 15.40 -10.07
CA VAL A 584 11.99 16.43 -9.02
C VAL A 584 11.57 15.80 -7.70
N VAL A 585 12.45 15.83 -6.71
CA VAL A 585 12.10 15.30 -5.38
C VAL A 585 11.69 16.35 -4.34
N ALA A 586 12.11 17.61 -4.51
CA ALA A 586 11.81 18.67 -3.53
C ALA A 586 11.99 20.06 -4.11
N CYS A 587 11.13 20.96 -3.67
N CYS A 587 11.07 20.95 -3.74
CA CYS A 587 11.18 22.36 -4.05
CA CYS A 587 11.13 22.37 -4.05
C CYS A 587 10.67 23.22 -2.90
C CYS A 587 10.76 23.13 -2.79
N VAL A 588 11.43 24.24 -2.54
CA VAL A 588 11.07 25.16 -1.46
C VAL A 588 10.79 26.52 -2.10
N LEU A 589 9.61 27.07 -1.82
CA LEU A 589 9.17 28.35 -2.39
C LEU A 589 8.97 29.33 -1.26
N GLN A 590 9.18 30.59 -1.59
CA GLN A 590 8.91 31.71 -0.68
C GLN A 590 7.85 32.57 -1.35
N VAL A 591 6.66 32.60 -0.76
CA VAL A 591 5.51 33.28 -1.37
C VAL A 591 5.49 34.70 -0.84
N PRO A 592 5.60 35.71 -1.72
CA PRO A 592 5.52 37.09 -1.25
C PRO A 592 4.14 37.36 -0.63
N ILE A 593 4.13 37.90 0.60
CA ILE A 593 2.89 38.26 1.30
C ILE A 593 2.04 39.15 0.35
N GLY A 594 0.72 38.90 0.28
CA GLY A 594 -0.11 39.59 -0.70
C GLY A 594 -1.51 38.99 -0.74
N LYS A 595 -2.20 39.17 -1.87
CA LYS A 595 -3.57 38.72 -2.01
C LYS A 595 -3.72 37.21 -1.77
N GLU A 596 -2.84 36.41 -2.39
CA GLU A 596 -2.94 34.96 -2.24
C GLU A 596 -2.77 34.50 -0.80
N THR A 597 -1.77 35.02 -0.08
CA THR A 597 -1.57 34.65 1.33
C THR A 597 -2.69 35.14 2.23
N ASP A 598 -3.23 36.33 1.95
CA ASP A 598 -4.45 36.81 2.60
C ASP A 598 -5.60 35.80 2.46
N ILE A 599 -5.82 35.30 1.24
CA ILE A 599 -6.92 34.38 0.94
C ILE A 599 -6.71 33.07 1.69
N ILE A 600 -5.50 32.51 1.57
CA ILE A 600 -5.16 31.24 2.19
C ILE A 600 -5.35 31.30 3.69
N CYS A 601 -4.67 32.25 4.35
CA CYS A 601 -4.77 32.39 5.81
C CYS A 601 -6.21 32.67 6.28
N ALA A 602 -6.97 33.46 5.51
CA ALA A 602 -8.39 33.69 5.83
C ALA A 602 -9.21 32.38 5.86
N GLU A 603 -9.02 31.51 4.86
CA GLU A 603 -9.76 30.23 4.83
C GLU A 603 -9.43 29.33 6.02
N TYR A 604 -8.16 29.31 6.47
CA TYR A 604 -7.78 28.54 7.67
C TYR A 604 -8.53 29.07 8.86
N ASP A 605 -8.55 30.39 9.02
CA ASP A 605 -9.25 31.01 10.14
C ASP A 605 -10.75 30.68 10.11
N ASN A 606 -11.37 30.80 8.93
CA ASN A 606 -12.80 30.47 8.75
C ASN A 606 -13.06 29.01 9.13
N LEU A 607 -12.25 28.09 8.59
CA LEU A 607 -12.45 26.67 8.89
C LEU A 607 -12.21 26.31 10.35
N VAL A 608 -11.23 26.96 11.00
CA VAL A 608 -10.99 26.76 12.43
C VAL A 608 -12.16 27.28 13.25
N SER A 609 -12.59 28.53 12.99
CA SER A 609 -13.68 29.15 13.74
C SER A 609 -14.98 28.35 13.65
N LYS A 610 -15.26 27.82 12.47
CA LYS A 610 -16.52 27.14 12.19
C LYS A 610 -16.47 25.67 12.60
N GLY A 611 -15.43 25.29 13.35
CA GLY A 611 -15.30 23.94 13.92
C GLY A 611 -15.21 22.85 12.88
N GLN A 612 -14.62 23.19 11.73
CA GLN A 612 -14.48 22.25 10.62
C GLN A 612 -13.19 21.44 10.64
N PHE A 613 -12.23 21.80 11.47
CA PHE A 613 -11.07 20.91 11.66
C PHE A 613 -11.40 19.83 12.68
N ALA A 614 -11.22 18.57 12.27
CA ALA A 614 -11.45 17.40 13.13
C ALA A 614 -10.13 16.93 13.72
N THR A 615 -10.16 16.50 14.99
CA THR A 615 -8.96 16.04 15.69
C THR A 615 -8.72 14.55 15.46
N VAL A 616 -7.49 14.17 15.08
CA VAL A 616 -7.16 12.76 14.87
C VAL A 616 -5.95 12.29 15.69
N THR A 624 -1.95 16.43 18.93
CA THR A 624 -2.38 15.68 17.73
C THR A 624 -2.40 16.55 16.46
N VAL A 625 -3.00 16.01 15.39
CA VAL A 625 -3.16 16.71 14.12
C VAL A 625 -4.64 17.00 13.89
N ASN A 626 -4.93 18.20 13.38
CA ASN A 626 -6.28 18.54 12.94
C ASN A 626 -6.38 18.34 11.42
N MET A 627 -7.53 17.86 10.98
CA MET A 627 -7.72 17.53 9.55
C MET A 627 -9.05 18.04 9.08
N THR A 628 -9.10 18.31 7.78
CA THR A 628 -10.33 18.67 7.07
C THR A 628 -10.19 18.17 5.63
N GLY A 629 -11.24 18.36 4.83
CA GLY A 629 -11.24 17.99 3.42
C GLY A 629 -12.19 16.85 3.13
N ASN A 630 -12.02 16.25 1.95
CA ASN A 630 -12.95 15.24 1.45
C ASN A 630 -12.60 13.85 1.93
N ALA A 631 -12.71 13.65 3.24
CA ALA A 631 -12.41 12.35 3.81
C ALA A 631 -13.61 11.42 3.65
N LEU A 632 -13.37 10.13 3.87
CA LEU A 632 -14.44 9.18 4.17
C LEU A 632 -13.93 8.34 5.32
N ILE A 633 -14.42 8.65 6.51
CA ILE A 633 -14.01 7.97 7.72
C ILE A 633 -14.92 6.75 7.94
N GLN A 634 -14.44 5.58 7.51
CA GLN A 634 -15.23 4.35 7.59
C GLN A 634 -15.53 3.84 9.02
N ASN A 635 -14.72 4.25 10.01
CA ASN A 635 -15.04 4.02 11.43
C ASN A 635 -16.35 4.66 11.88
N ASP A 636 -16.75 5.73 11.20
CA ASP A 636 -18.05 6.37 11.36
C ASP A 636 -19.05 5.60 10.48
N GLY A 637 -19.84 4.73 11.12
CA GLY A 637 -20.80 3.86 10.45
C GLY A 637 -21.75 4.58 9.50
N LYS A 638 -22.21 5.75 9.93
CA LYS A 638 -23.20 6.54 9.19
C LYS A 638 -22.62 7.42 8.06
N ALA A 639 -21.29 7.44 7.90
CA ALA A 639 -20.64 8.30 6.89
C ALA A 639 -20.82 7.69 5.50
N ILE A 640 -21.34 8.49 4.56
CA ILE A 640 -21.74 8.00 3.22
C ILE A 640 -21.50 9.08 2.15
N SER A 641 -20.79 10.13 2.54
CA SER A 641 -20.49 11.25 1.66
C SER A 641 -19.14 11.88 2.04
N LYS A 642 -18.61 12.72 1.16
CA LYS A 642 -17.28 13.33 1.38
C LYS A 642 -17.23 14.22 2.63
N GLY A 643 -16.12 14.11 3.36
CA GLY A 643 -15.86 14.97 4.51
C GLY A 643 -15.84 14.25 5.83
N TYR A 644 -15.30 14.93 6.84
CA TYR A 644 -15.40 14.51 8.24
C TYR A 644 -16.82 14.68 8.77
N ALA A 645 -17.12 14.07 9.92
CA ALA A 645 -18.47 14.12 10.48
C ALA A 645 -18.98 15.56 10.63
N VAL A 646 -18.11 16.48 11.07
CA VAL A 646 -18.48 17.90 11.25
C VAL A 646 -19.00 18.53 9.95
N ALA A 647 -18.38 18.16 8.83
CA ALA A 647 -18.77 18.59 7.51
C ALA A 647 -20.18 18.07 7.17
N HIS A 648 -20.42 16.77 7.40
CA HIS A 648 -21.73 16.17 7.16
C HIS A 648 -22.84 16.94 7.92
N ARG A 649 -22.63 17.18 9.22
CA ARG A 649 -23.57 17.93 10.05
C ARG A 649 -23.84 19.36 9.55
N ALA A 650 -22.77 20.07 9.15
CA ALA A 650 -22.89 21.48 8.72
C ALA A 650 -23.73 21.66 7.47
N ARG A 651 -23.64 20.68 6.54
CA ARG A 651 -24.47 20.67 5.34
C ARG A 651 -25.96 20.64 5.65
N VAL A 652 -26.31 19.98 6.76
CA VAL A 652 -27.70 19.81 7.17
C VAL A 652 -28.14 20.94 8.12
N THR A 653 -27.37 21.17 9.18
CA THR A 653 -27.78 22.06 10.28
C THR A 653 -27.72 23.56 9.96
N SER A 654 -26.93 23.95 8.96
CA SER A 654 -26.78 25.36 8.59
C SER A 654 -28.11 25.99 8.17
N ASN A 655 -28.32 27.22 8.62
CA ASN A 655 -29.54 27.93 8.33
C ASN A 655 -29.34 29.01 7.28
N VAL A 656 -28.14 29.07 6.71
CA VAL A 656 -27.82 30.06 5.68
C VAL A 656 -27.50 29.42 4.33
N TYR A 657 -26.44 28.61 4.28
CA TYR A 657 -26.00 27.99 3.03
C TYR A 657 -25.29 26.66 3.27
N GLY A 658 -25.96 25.58 2.87
CA GLY A 658 -25.45 24.23 3.06
C GLY A 658 -24.07 23.92 2.50
N LYS A 659 -23.68 24.59 1.41
CA LYS A 659 -22.41 24.30 0.72
C LYS A 659 -21.23 25.18 1.15
N ALA A 660 -21.42 26.02 2.17
CA ALA A 660 -20.48 27.11 2.50
C ALA A 660 -19.06 26.60 2.73
N ASN A 661 -18.93 25.56 3.55
CA ASN A 661 -17.62 25.00 3.90
C ASN A 661 -16.92 24.32 2.74
N ASP A 662 -17.71 23.83 1.78
CA ASP A 662 -17.15 23.24 0.57
C ASP A 662 -16.59 24.29 -0.36
N VAL A 663 -17.21 25.47 -0.39
CA VAL A 663 -16.68 26.59 -1.15
C VAL A 663 -15.36 27.06 -0.51
N SER A 664 -15.35 27.13 0.82
CA SER A 664 -14.17 27.47 1.60
C SER A 664 -13.00 26.48 1.34
N LEU A 665 -13.27 25.17 1.41
CA LEU A 665 -12.26 24.14 1.15
C LEU A 665 -11.71 24.16 -0.26
N GLN A 666 -12.59 24.40 -1.23
CA GLN A 666 -12.15 24.52 -2.63
C GLN A 666 -11.26 25.72 -2.85
N ARG A 667 -11.63 26.88 -2.30
CA ARG A 667 -10.83 28.10 -2.43
C ARG A 667 -9.46 27.90 -1.75
N LEU A 668 -9.47 27.31 -0.55
CA LEU A 668 -8.23 26.99 0.16
C LEU A 668 -7.28 26.11 -0.70
N ALA A 669 -7.79 24.94 -1.14
CA ALA A 669 -7.02 24.01 -1.95
C ALA A 669 -6.59 24.63 -3.27
N GLU A 670 -7.52 25.32 -3.93
CA GLU A 670 -7.21 25.93 -5.24
C GLU A 670 -6.23 27.10 -5.18
N THR A 671 -6.29 27.91 -4.13
CA THR A 671 -5.36 29.04 -4.02
C THR A 671 -3.93 28.57 -3.74
N VAL A 672 -3.78 27.63 -2.80
CA VAL A 672 -2.47 27.02 -2.54
C VAL A 672 -1.93 26.37 -3.81
N TRP A 673 -2.81 25.66 -4.53
CA TRP A 673 -2.45 24.97 -5.76
C TRP A 673 -1.98 25.94 -6.82
N SER A 674 -2.71 27.05 -6.95
CA SER A 674 -2.42 28.05 -7.95
C SER A 674 -1.03 28.69 -7.72
N VAL A 675 -0.73 29.03 -6.48
CA VAL A 675 0.57 29.56 -6.07
C VAL A 675 1.69 28.55 -6.43
N VAL A 676 1.49 27.28 -6.08
CA VAL A 676 2.46 26.25 -6.37
C VAL A 676 2.65 26.04 -7.88
N GLU A 677 1.54 26.03 -8.63
CA GLU A 677 1.55 25.71 -10.06
C GLU A 677 2.23 26.76 -10.93
N LYS A 678 2.14 28.02 -10.53
CA LYS A 678 2.89 29.09 -11.19
C LYS A 678 4.40 28.77 -11.27
N ARG A 679 4.92 28.13 -10.23
CA ARG A 679 6.33 27.77 -10.16
C ARG A 679 6.62 26.36 -10.67
N LEU A 680 5.66 25.45 -10.48
CA LEU A 680 5.89 24.04 -10.78
C LEU A 680 4.83 23.58 -11.79
N SER A 681 5.11 23.75 -13.08
CA SER A 681 4.13 23.41 -14.11
C SER A 681 3.88 21.91 -14.23
N PHE A 682 4.74 21.08 -13.62
CA PHE A 682 4.53 19.63 -13.64
C PHE A 682 3.36 19.18 -12.76
N MET A 683 2.98 20.02 -11.80
CA MET A 683 1.94 19.69 -10.82
C MET A 683 0.57 19.44 -11.45
N PRO A 684 0.05 20.37 -12.32
CA PRO A 684 -1.21 20.06 -13.03
C PRO A 684 -1.09 18.83 -13.94
N ALA A 685 0.07 18.64 -14.56
CA ALA A 685 0.34 17.45 -15.37
C ALA A 685 0.24 16.17 -14.53
N TYR A 686 0.69 16.23 -13.28
CA TYR A 686 0.59 15.13 -12.33
C TYR A 686 -0.86 14.92 -11.95
N ARG A 687 -1.57 16.00 -11.60
CA ARG A 687 -2.99 15.94 -11.31
C ARG A 687 -3.79 15.25 -12.43
N ASP A 688 -3.59 15.71 -13.66
CA ASP A 688 -4.29 15.16 -14.83
C ASP A 688 -3.97 13.69 -15.10
N LEU A 689 -2.79 13.25 -14.66
CA LEU A 689 -2.34 11.89 -14.95
C LEU A 689 -2.89 10.85 -13.98
N VAL A 690 -3.03 11.20 -12.71
CA VAL A 690 -3.30 10.23 -11.64
C VAL A 690 -4.73 10.28 -11.05
N ILE A 691 -5.48 11.36 -11.29
CA ILE A 691 -6.84 11.45 -10.80
C ILE A 691 -7.76 10.96 -11.93
N THR A 692 -8.52 9.90 -11.67
CA THR A 692 -9.49 9.35 -12.63
C THR A 692 -10.72 10.25 -12.71
N GLU A 693 -11.52 10.08 -13.78
CA GLU A 693 -12.80 10.80 -13.93
C GLU A 693 -13.68 10.57 -12.71
N GLN A 694 -13.66 9.36 -12.18
CA GLN A 694 -14.46 9.00 -11.01
C GLN A 694 -13.91 9.59 -9.72
N GLY A 695 -12.61 9.91 -9.71
CA GLY A 695 -11.99 10.57 -8.56
C GLY A 695 -12.12 12.09 -8.53
N LYS A 696 -12.20 12.71 -9.71
CA LYS A 696 -12.28 14.19 -9.83
C LYS A 696 -13.31 14.88 -8.93
N PRO A 697 -14.57 14.35 -8.83
CA PRO A 697 -15.52 15.06 -7.98
C PRO A 697 -15.18 15.03 -6.50
N PHE A 698 -14.25 14.16 -6.11
CA PHE A 698 -13.90 14.02 -4.69
C PHE A 698 -12.56 14.63 -4.31
N MET A 699 -11.85 15.18 -5.30
CA MET A 699 -10.71 16.04 -5.03
C MET A 699 -11.23 17.43 -4.63
N LEU A 700 -10.43 18.19 -3.90
CA LEU A 700 -10.82 19.56 -3.57
C LEU A 700 -10.54 20.48 -4.74
N GLY A 701 -11.58 20.85 -5.48
CA GLY A 701 -11.43 21.67 -6.68
C GLY A 701 -10.59 21.00 -7.75
N ALA A 702 -10.01 21.80 -8.63
CA ALA A 702 -9.20 21.27 -9.72
C ALA A 702 -7.72 21.10 -9.28
N THR A 703 -7.50 20.26 -8.25
CA THR A 703 -6.18 20.06 -7.63
C THR A 703 -5.96 18.58 -7.38
N ALA A 704 -4.78 18.22 -6.86
CA ALA A 704 -4.51 16.84 -6.45
C ALA A 704 -4.56 16.71 -4.92
N THR A 705 -5.27 17.62 -4.28
CA THR A 705 -5.46 17.64 -2.82
C THR A 705 -6.87 17.15 -2.44
N ASN A 706 -6.99 16.21 -1.51
CA ASN A 706 -8.29 15.87 -0.92
C ASN A 706 -8.31 16.05 0.60
N ILE A 707 -7.14 16.06 1.24
CA ILE A 707 -7.06 16.26 2.69
C ILE A 707 -6.12 17.43 3.02
N ILE A 708 -6.49 18.21 4.02
CA ILE A 708 -5.69 19.35 4.46
C ILE A 708 -5.51 19.22 5.97
N SER A 709 -4.25 19.19 6.41
CA SER A 709 -3.93 19.09 7.84
C SER A 709 -3.67 20.48 8.43
N LEU A 710 -3.65 20.55 9.76
CA LEU A 710 -3.26 21.76 10.47
C LEU A 710 -2.61 21.40 11.81
N THR A 711 -1.40 21.93 12.02
CA THR A 711 -0.64 21.75 13.27
C THR A 711 -0.31 23.11 13.88
N GLU A 712 -0.26 23.14 15.21
CA GLU A 712 -0.02 24.37 15.96
C GLU A 712 1.23 24.13 16.80
N ASN A 713 2.33 24.81 16.46
CA ASN A 713 3.62 24.70 17.19
C ASN A 713 4.04 23.26 17.47
N GLN A 714 3.97 22.41 16.44
CA GLN A 714 4.22 20.98 16.60
C GLN A 714 5.36 20.44 15.75
N GLY A 715 6.18 19.60 16.37
CA GLY A 715 7.17 18.80 15.64
C GLY A 715 6.55 17.48 15.19
N VAL A 716 7.26 16.80 14.32
CA VAL A 716 6.86 15.47 13.85
C VAL A 716 8.13 14.69 13.54
N MET A 717 8.16 13.43 14.00
CA MET A 717 9.31 12.56 13.81
C MET A 717 9.67 12.43 12.32
N LEU A 718 10.94 12.12 12.05
CA LEU A 718 11.39 11.78 10.71
C LEU A 718 10.66 10.52 10.24
N HIS A 719 10.18 10.56 9.00
CA HIS A 719 9.41 9.46 8.41
C HIS A 719 9.25 9.57 6.90
N LEU A 720 8.92 8.43 6.29
CA LEU A 720 8.37 8.38 4.94
C LEU A 720 6.88 8.17 5.05
N ASP A 721 6.12 8.92 4.26
CA ASP A 721 4.70 8.61 4.11
C ASP A 721 4.57 7.39 3.19
N THR A 722 3.45 6.70 3.26
CA THR A 722 3.26 5.54 2.41
C THR A 722 2.06 5.69 1.48
N ASP A 723 0.91 6.07 2.05
CA ASP A 723 -0.34 6.04 1.30
C ASP A 723 -0.80 7.41 0.78
N ASP A 724 0.17 8.24 0.40
CA ASP A 724 -0.11 9.57 -0.11
C ASP A 724 0.21 9.67 -1.61
N GLY A 725 -0.06 10.84 -2.19
CA GLY A 725 0.20 11.09 -3.62
C GLY A 725 1.67 11.15 -3.95
N VAL A 726 1.99 11.43 -5.20
CA VAL A 726 3.39 11.44 -5.63
C VAL A 726 4.12 12.68 -5.03
N TRP A 727 3.43 13.82 -5.01
CA TRP A 727 3.97 15.02 -4.39
C TRP A 727 3.01 15.60 -3.36
N THR A 728 3.57 16.13 -2.27
CA THR A 728 2.81 16.68 -1.15
C THR A 728 3.23 18.14 -0.97
N ILE A 729 2.27 19.00 -0.63
CA ILE A 729 2.54 20.42 -0.39
C ILE A 729 2.45 20.63 1.11
N ILE A 730 3.43 21.33 1.69
CA ILE A 730 3.32 21.80 3.08
C ILE A 730 3.60 23.29 3.11
N LEU A 731 2.82 24.02 3.91
CA LEU A 731 3.00 25.45 4.04
C LEU A 731 2.98 25.81 5.51
N TRP A 732 3.49 26.99 5.85
CA TRP A 732 3.43 27.52 7.19
C TRP A 732 3.14 29.00 7.17
N PHE A 733 2.49 29.47 8.23
CA PHE A 733 2.32 30.89 8.48
C PHE A 733 2.22 31.10 9.98
N HIS A 734 2.43 32.33 10.41
CA HIS A 734 2.59 32.66 11.81
C HIS A 734 1.62 33.71 12.29
N ARG A 735 1.18 33.57 13.52
CA ARG A 735 0.16 34.46 14.05
C ARG A 735 0.66 35.58 14.95
N HIS A 736 1.16 35.31 16.14
CA HIS A 736 1.53 36.50 16.96
C HIS A 736 3.01 36.83 16.86
N SER A 737 3.49 37.79 17.64
CA SER A 737 4.94 38.02 17.67
C SER A 737 5.63 37.12 18.71
N GLY A 738 6.94 36.95 18.54
CA GLY A 738 7.76 36.17 19.46
C GLY A 738 8.98 35.57 18.80
N ILE A 739 9.65 34.68 19.54
CA ILE A 739 10.82 34.00 19.05
C ILE A 739 10.57 32.49 19.02
N ILE A 740 10.96 31.84 17.93
CA ILE A 740 10.89 30.38 17.80
C ILE A 740 12.31 29.81 17.74
N ALA A 741 12.59 28.89 18.66
CA ALA A 741 13.79 28.05 18.61
C ALA A 741 13.38 26.64 18.15
N GLY A 742 14.19 26.04 17.28
CA GLY A 742 13.89 24.73 16.73
C GLY A 742 12.76 24.80 15.71
N GLY A 743 12.05 23.70 15.53
CA GLY A 743 10.93 23.62 14.60
C GLY A 743 11.33 23.66 13.15
N GLU A 744 12.58 23.35 12.83
CA GLU A 744 13.01 23.31 11.43
C GLU A 744 12.31 22.18 10.67
N PHE A 745 11.99 22.44 9.42
CA PHE A 745 11.66 21.36 8.52
C PHE A 745 12.98 20.79 8.04
N VAL A 746 13.14 19.48 8.18
CA VAL A 746 14.40 18.80 7.87
C VAL A 746 14.20 17.75 6.78
N LEU A 747 15.01 17.85 5.72
CA LEU A 747 15.08 16.82 4.70
C LEU A 747 16.48 16.19 4.75
N PRO A 748 16.68 15.24 5.69
CA PRO A 748 18.04 14.77 6.00
C PRO A 748 18.70 14.02 4.85
N SER A 749 17.90 13.37 3.98
CA SER A 749 18.50 12.66 2.86
C SER A 749 18.91 13.62 1.74
N LEU A 750 18.46 14.87 1.81
CA LEU A 750 18.95 15.92 0.92
C LEU A 750 19.97 16.80 1.62
N GLY A 751 20.18 16.54 2.90
CA GLY A 751 21.18 17.25 3.70
C GLY A 751 20.87 18.70 3.99
N ILE A 752 19.58 19.05 3.98
CA ILE A 752 19.12 20.42 4.17
C ILE A 752 18.03 20.52 5.23
N SER A 753 17.88 21.74 5.76
CA SER A 753 16.86 22.08 6.74
C SER A 753 16.55 23.55 6.56
N PHE A 754 15.40 24.00 7.04
CA PHE A 754 15.03 25.43 6.96
C PHE A 754 14.02 25.83 8.02
N GLN A 755 14.03 27.11 8.35
CA GLN A 755 12.98 27.71 9.16
C GLN A 755 11.98 28.30 8.18
N PRO A 756 10.67 28.02 8.40
CA PRO A 756 9.64 28.72 7.62
C PRO A 756 9.61 30.21 7.98
N LEU A 757 9.53 31.08 6.98
CA LEU A 757 9.53 32.55 7.20
C LEU A 757 8.10 33.06 6.98
N ASP A 758 7.90 34.26 6.40
CA ASP A 758 6.56 34.77 6.14
C ASP A 758 5.57 33.72 5.61
N PHE A 759 5.96 33.06 4.51
CA PHE A 759 5.05 32.11 3.85
C PHE A 759 5.84 31.18 2.98
N THR A 760 6.43 30.17 3.63
CA THR A 760 7.28 29.20 2.96
C THR A 760 6.40 28.01 2.60
N ILE A 761 6.59 27.52 1.39
CA ILE A 761 5.96 26.31 0.91
C ILE A 761 7.03 25.31 0.50
N VAL A 762 6.90 24.07 0.96
CA VAL A 762 7.70 22.97 0.41
C VAL A 762 6.80 22.02 -0.38
N VAL A 763 7.22 21.69 -1.59
CA VAL A 763 6.58 20.66 -2.39
C VAL A 763 7.60 19.56 -2.55
N PHE A 764 7.23 18.33 -2.18
CA PHE A 764 8.20 17.25 -2.18
C PHE A 764 7.53 15.87 -2.32
N ALA A 765 8.33 14.90 -2.77
CA ALA A 765 7.90 13.50 -2.91
C ALA A 765 7.88 12.77 -1.56
N ALA A 766 6.74 12.84 -0.85
CA ALA A 766 6.68 12.43 0.56
C ALA A 766 6.78 10.94 0.81
N ASN A 767 6.48 10.14 -0.22
CA ASN A 767 6.63 8.70 -0.11
C ASN A 767 8.06 8.24 -0.33
N THR A 768 8.93 9.11 -0.87
CA THR A 768 10.32 8.72 -1.22
C THR A 768 11.45 9.61 -0.63
N ILE A 769 11.07 10.65 0.09
CA ILE A 769 11.99 11.56 0.77
C ILE A 769 11.62 11.58 2.24
N VAL A 770 12.52 11.12 3.11
CA VAL A 770 12.32 11.23 4.56
C VAL A 770 12.23 12.71 4.98
N HIS A 771 11.41 13.00 5.97
CA HIS A 771 11.21 14.38 6.42
C HIS A 771 10.59 14.41 7.80
N GLY A 772 10.71 15.55 8.45
CA GLY A 772 10.02 15.82 9.71
C GLY A 772 10.27 17.25 10.16
N THR A 773 9.80 17.55 11.35
CA THR A 773 9.92 18.88 11.92
C THR A 773 10.41 18.71 13.33
N ARG A 774 11.47 19.44 13.67
CA ARG A 774 12.04 19.40 15.02
C ARG A 774 11.06 19.99 16.04
N PRO A 775 11.14 19.57 17.33
CA PRO A 775 10.35 20.26 18.35
C PRO A 775 10.66 21.76 18.41
N LEU A 776 9.68 22.54 18.86
CA LEU A 776 9.78 23.98 18.98
C LEU A 776 9.83 24.38 20.45
N GLN A 777 10.53 25.47 20.71
CA GLN A 777 10.38 26.21 21.95
C GLN A 777 10.09 27.66 21.54
N THR A 778 9.13 28.28 22.22
CA THR A 778 8.74 29.63 21.86
C THR A 778 8.88 30.60 23.02
N THR A 779 9.12 31.86 22.67
CA THR A 779 9.08 32.99 23.58
C THR A 779 7.98 33.91 23.04
N GLY A 780 7.14 34.42 23.93
CA GLY A 780 5.99 35.23 23.52
C GLY A 780 4.84 34.39 22.99
N LYS A 781 3.89 35.05 22.31
CA LYS A 781 2.63 34.40 21.92
C LYS A 781 2.67 33.69 20.56
N ILE A 782 3.80 33.83 19.85
CA ILE A 782 4.00 33.30 18.50
C ILE A 782 3.40 31.89 18.30
N ILE A 783 2.61 31.74 17.26
CA ILE A 783 2.13 30.44 16.83
C ILE A 783 2.59 30.21 15.41
N ARG A 784 3.27 29.08 15.19
CA ARG A 784 3.60 28.64 13.85
C ARG A 784 2.58 27.58 13.44
N TRP A 785 1.78 27.92 12.44
CA TRP A 785 0.75 27.02 11.89
C TRP A 785 1.33 26.27 10.71
N GLY A 786 1.34 24.94 10.80
CA GLY A 786 1.79 24.09 9.70
C GLY A 786 0.62 23.37 9.06
N SER A 787 0.69 23.18 7.76
CA SER A 787 -0.43 22.55 7.04
C SER A 787 0.03 21.83 5.80
N SER A 788 -0.34 20.55 5.72
CA SER A 788 -0.09 19.76 4.54
C SER A 788 -1.34 19.66 3.66
N HIS A 789 -1.19 19.93 2.36
CA HIS A 789 -2.23 19.65 1.36
C HIS A 789 -1.77 18.38 0.66
N PHE A 790 -2.53 17.30 0.80
CA PHE A 790 -2.08 16.02 0.24
C PHE A 790 -3.21 15.17 -0.35
N LEU A 791 -2.82 14.09 -1.01
CA LEU A 791 -3.75 13.13 -1.59
C LEU A 791 -3.70 11.86 -0.75
N ARG A 792 -4.77 11.61 0.01
CA ARG A 792 -4.92 10.36 0.71
C ARG A 792 -5.81 9.48 -0.15
N PHE A 793 -5.19 8.51 -0.84
CA PHE A 793 -5.90 7.81 -1.90
C PHE A 793 -7.00 6.84 -1.46
N LYS A 794 -6.95 6.36 -0.22
CA LYS A 794 -7.99 5.47 0.30
C LYS A 794 -9.36 6.14 0.31
N ASP A 795 -9.39 7.42 0.70
CA ASP A 795 -10.65 8.19 0.75
C ASP A 795 -11.21 8.43 -0.64
N VAL A 796 -10.36 8.84 -1.59
CA VAL A 796 -10.83 9.11 -2.94
C VAL A 796 -11.27 7.83 -3.69
N ASN A 797 -10.62 6.70 -3.43
CA ASN A 797 -11.07 5.41 -4.01
C ASN A 797 -12.45 4.99 -3.48
N ALA A 798 -12.61 4.97 -2.15
CA ALA A 798 -13.86 4.61 -1.51
C ALA A 798 -15.02 5.52 -1.94
N LEU A 799 -14.73 6.82 -2.05
CA LEU A 799 -15.72 7.79 -2.51
C LEU A 799 -16.08 7.62 -3.99
N ALA A 800 -15.07 7.42 -4.84
CA ALA A 800 -15.32 7.13 -6.26
C ALA A 800 -16.20 5.87 -6.37
N GLN A 801 -15.95 4.92 -5.47
CA GLN A 801 -16.70 3.68 -5.40
C GLN A 801 -18.15 3.92 -4.99
N LEU A 802 -18.36 4.70 -3.92
CA LEU A 802 -19.70 5.09 -3.50
C LEU A 802 -20.45 5.87 -4.58
N GLY A 803 -19.74 6.76 -5.28
CA GLY A 803 -20.27 7.52 -6.40
C GLY A 803 -20.73 6.64 -7.56
N ALA A 804 -19.99 5.57 -7.84
CA ALA A 804 -20.36 4.63 -8.88
C ALA A 804 -21.60 3.83 -8.49
N ALA A 805 -21.72 3.50 -7.20
CA ALA A 805 -22.80 2.66 -6.68
C ALA A 805 -24.11 3.44 -6.58
N TYR A 806 -24.05 4.66 -6.04
CA TYR A 806 -25.24 5.43 -5.73
C TYR A 806 -25.49 6.65 -6.60
N GLY A 807 -24.46 7.16 -7.26
CA GLY A 807 -24.54 8.42 -7.98
C GLY A 807 -23.89 9.51 -7.13
N VAL A 808 -22.93 10.22 -7.73
CA VAL A 808 -22.19 11.31 -7.06
C VAL A 808 -23.14 12.29 -6.33
N ASP A 809 -24.18 12.76 -7.02
CA ASP A 809 -25.09 13.76 -6.45
C ASP A 809 -26.10 13.20 -5.45
N GLU A 810 -26.21 11.88 -5.34
CA GLU A 810 -27.13 11.24 -4.39
C GLU A 810 -26.55 11.15 -2.98
N LEU A 811 -25.23 11.29 -2.86
CA LEU A 811 -24.54 11.04 -1.58
C LEU A 811 -25.00 11.98 -0.48
N ASP A 812 -25.25 13.25 -0.83
CA ASP A 812 -25.73 14.22 0.15
C ASP A 812 -27.09 13.86 0.72
N ALA A 813 -27.99 13.40 -0.15
CA ALA A 813 -29.35 13.01 0.26
C ALA A 813 -29.30 11.78 1.15
N LYS A 814 -28.45 10.81 0.77
CA LYS A 814 -28.19 9.63 1.60
C LYS A 814 -27.66 10.04 2.98
N GLN A 815 -26.69 10.96 2.99
CA GLN A 815 -26.09 11.43 4.24
C GLN A 815 -27.10 12.12 5.14
N ARG A 816 -27.95 12.96 4.54
CA ARG A 816 -29.02 13.63 5.26
C ARG A 816 -29.96 12.59 5.88
N ASP A 817 -30.37 11.58 5.09
CA ASP A 817 -31.26 10.51 5.58
C ASP A 817 -30.63 9.67 6.68
N GLN A 818 -29.35 9.35 6.50
CA GLN A 818 -28.65 8.51 7.48
C GLN A 818 -28.46 9.23 8.80
N LEU A 819 -28.17 10.54 8.75
CA LEU A 819 -28.08 11.35 9.96
C LEU A 819 -29.42 11.41 10.70
N GLU A 820 -30.51 11.65 9.97
CA GLU A 820 -31.87 11.69 10.53
C GLU A 820 -32.27 10.39 11.22
N GLU A 821 -32.03 9.27 10.53
CA GLU A 821 -32.38 7.95 11.06
C GLU A 821 -31.57 7.57 12.31
N VAL A 822 -30.29 7.95 12.34
CA VAL A 822 -29.42 7.72 13.50
C VAL A 822 -29.84 8.63 14.67
N ASP A 823 -30.22 9.83 14.36
CA ASP A 823 -30.68 10.73 15.38
C ASP A 823 -31.98 10.27 16.04
N ALA A 824 -32.89 9.73 15.25
CA ALA A 824 -34.17 9.25 15.69
C ALA A 824 -34.06 8.10 16.64
N ALA A 825 -33.18 7.17 16.36
CA ALA A 825 -32.91 6.05 17.19
C ALA A 825 -32.34 6.47 18.50
N ASN A 826 -31.50 7.47 18.50
CA ASN A 826 -30.92 8.01 19.70
C ASN A 826 -31.90 8.72 20.51
N SER A 827 -32.69 9.55 19.87
CA SER A 827 -33.69 10.34 20.57
C SER A 827 -34.76 9.45 21.16
N LYS A 828 -35.10 8.39 20.47
CA LYS A 828 -36.08 7.45 20.93
C LYS A 828 -35.53 6.42 21.89
N ASP A 829 -34.58 5.60 21.48
CA ASP A 829 -34.17 4.42 22.25
C ASP A 829 -32.77 4.31 22.84
N GLY A 830 -31.98 5.36 22.81
CA GLY A 830 -30.65 5.33 23.43
C GLY A 830 -29.46 5.21 22.49
N VAL A 831 -28.27 5.34 23.04
CA VAL A 831 -27.01 5.33 22.32
C VAL A 831 -26.79 4.02 21.67
N GLY A 832 -27.19 2.94 22.31
CA GLY A 832 -27.04 1.60 21.82
C GLY A 832 -27.79 1.26 20.59
N ALA A 833 -29.00 1.74 20.53
CA ALA A 833 -29.87 1.49 19.41
C ALA A 833 -29.42 2.24 18.21
N ALA A 834 -29.02 3.49 18.42
CA ALA A 834 -28.50 4.34 17.34
C ALA A 834 -27.22 3.78 16.72
N ARG A 835 -26.34 3.25 17.58
CA ARG A 835 -25.07 2.69 17.12
C ARG A 835 -25.23 1.33 16.40
N ARG A 836 -26.36 0.65 16.65
CA ARG A 836 -26.74 -0.55 15.89
C ARG A 836 -27.26 -0.19 14.50
N VAL A 837 -28.01 0.91 14.42
CA VAL A 837 -28.49 1.51 13.16
C VAL A 837 -27.29 1.95 12.28
N ALA A 838 -26.33 2.62 12.91
CA ALA A 838 -25.07 3.02 12.25
C ALA A 838 -24.27 1.80 11.77
N SER A 839 -24.25 0.75 12.60
CA SER A 839 -23.63 -0.52 12.27
C SER A 839 -24.25 -1.16 11.02
N CYS A 840 -25.58 -1.07 10.88
CA CYS A 840 -26.28 -1.53 9.68
C CYS A 840 -25.86 -0.80 8.41
N MET A 841 -25.83 0.53 8.49
CA MET A 841 -25.42 1.40 7.39
C MET A 841 -24.00 1.10 6.94
N ALA A 842 -23.09 0.94 7.91
CA ALA A 842 -21.70 0.56 7.64
C ALA A 842 -21.58 -0.73 6.81
N ALA A 843 -22.38 -1.75 7.14
CA ALA A 843 -22.37 -3.02 6.40
C ALA A 843 -22.86 -2.85 4.96
N GLU A 844 -23.90 -2.04 4.80
CA GLU A 844 -24.50 -1.80 3.48
C GLU A 844 -23.56 -0.99 2.60
N ARG A 845 -22.96 0.06 3.20
CA ARG A 845 -21.90 0.84 2.57
C ARG A 845 -20.74 -0.08 2.16
N LYS A 846 -20.30 -0.93 3.09
CA LYS A 846 -19.21 -1.87 2.82
C LYS A 846 -19.50 -2.71 1.59
N ALA A 847 -20.68 -3.33 1.55
CA ALA A 847 -21.09 -4.19 0.43
C ALA A 847 -21.06 -3.44 -0.90
N ALA A 848 -21.55 -2.19 -0.90
CA ALA A 848 -21.54 -1.35 -2.10
C ALA A 848 -20.12 -1.00 -2.54
N ILE A 849 -19.30 -0.53 -1.61
CA ILE A 849 -17.87 -0.25 -1.90
C ILE A 849 -17.20 -1.49 -2.49
N GLU A 850 -17.36 -2.63 -1.79
CA GLU A 850 -16.77 -3.91 -2.20
C GLU A 850 -17.13 -4.31 -3.64
N ALA A 851 -18.40 -4.11 -4.01
CA ALA A 851 -18.90 -4.46 -5.35
C ALA A 851 -18.30 -3.58 -6.44
N GLN A 852 -18.24 -2.27 -6.19
CA GLN A 852 -17.61 -1.32 -7.11
C GLN A 852 -16.10 -1.52 -7.23
N LYS A 853 -15.45 -1.74 -6.09
CA LYS A 853 -14.02 -2.08 -6.03
C LYS A 853 -13.71 -3.33 -6.90
N ALA A 854 -14.53 -4.37 -6.78
CA ALA A 854 -14.44 -5.55 -7.67
C ALA A 854 -14.67 -5.23 -9.14
N ALA A 855 -15.50 -4.22 -9.42
CA ALA A 855 -15.71 -3.77 -10.79
C ALA A 855 -14.55 -2.89 -11.32
N CYS A 856 -13.47 -2.80 -10.55
CA CYS A 856 -12.27 -1.96 -10.83
C CYS A 856 -12.56 -0.45 -10.88
N VAL A 857 -13.50 0.01 -10.04
CA VAL A 857 -13.76 1.45 -9.95
C VAL A 857 -12.69 2.04 -9.04
N ARG A 858 -12.01 3.07 -9.54
CA ARG A 858 -10.90 3.73 -8.85
C ARG A 858 -11.04 5.25 -8.88
N GLY A 859 -10.63 5.90 -7.79
CA GLY A 859 -10.44 7.36 -7.74
C GLY A 859 -9.08 7.82 -8.28
N VAL A 860 -8.06 6.98 -8.14
CA VAL A 860 -6.69 7.27 -8.60
C VAL A 860 -6.03 6.09 -9.31
N VAL A 861 -5.02 6.40 -10.14
CA VAL A 861 -4.17 5.38 -10.78
C VAL A 861 -3.20 4.85 -9.73
N MET A 862 -3.12 3.52 -9.62
CA MET A 862 -2.25 2.91 -8.63
C MET A 862 -1.43 1.79 -9.20
N ASN A 863 -0.24 1.61 -8.61
CA ASN A 863 0.62 0.46 -8.91
C ASN A 863 -0.09 -0.82 -8.45
N PRO A 864 -0.38 -1.74 -9.41
CA PRO A 864 -1.02 -3.02 -9.02
C PRO A 864 -0.11 -3.91 -8.17
N CYS A 865 1.22 -3.79 -8.37
CA CYS A 865 2.22 -4.53 -7.59
C CYS A 865 2.26 -4.11 -6.11
N THR A 866 2.28 -2.79 -5.86
CA THR A 866 2.47 -2.26 -4.50
C THR A 866 1.20 -1.75 -3.81
N GLY A 867 0.13 -1.55 -4.59
CA GLY A 867 -1.10 -0.89 -4.09
C GLY A 867 -0.88 0.57 -3.71
N ARG A 868 0.18 1.18 -4.25
CA ARG A 868 0.55 2.56 -3.98
C ARG A 868 0.72 3.34 -5.28
N MET A 869 0.79 4.66 -5.16
CA MET A 869 1.03 5.55 -6.30
C MET A 869 2.51 5.46 -6.70
N PRO A 870 2.87 5.82 -7.96
CA PRO A 870 4.30 5.65 -8.34
C PRO A 870 5.24 6.49 -7.48
N SER A 871 6.51 6.06 -7.39
CA SER A 871 7.46 6.75 -6.50
C SER A 871 7.84 8.16 -6.98
N LEU A 872 7.75 8.36 -8.30
CA LEU A 872 7.96 9.65 -8.94
C LEU A 872 7.41 9.57 -10.37
N LEU A 873 7.27 10.73 -11.01
CA LEU A 873 6.76 10.81 -12.37
C LEU A 873 7.60 11.76 -13.19
N PHE A 874 7.50 11.63 -14.51
CA PHE A 874 8.05 12.60 -15.47
C PHE A 874 9.57 12.56 -15.58
N TRP A 875 10.14 11.36 -15.38
CA TRP A 875 11.57 11.13 -15.56
C TRP A 875 12.03 11.63 -16.92
N GLN A 876 13.16 12.35 -16.93
CA GLN A 876 13.80 12.73 -18.19
C GLN A 876 15.17 12.07 -18.32
N VAL A 877 15.32 11.32 -19.40
CA VAL A 877 16.59 10.64 -19.73
C VAL A 877 17.51 11.61 -20.48
N TRP A 878 18.77 11.68 -20.03
CA TRP A 878 19.79 12.49 -20.72
C TRP A 878 20.87 11.61 -21.32
N ARG A 879 21.24 11.91 -22.56
CA ARG A 879 22.31 11.20 -23.28
C ARG A 879 23.14 12.18 -24.10
N LYS A 880 24.46 12.10 -23.94
CA LYS A 880 25.39 12.93 -24.71
C LYS A 880 26.38 12.05 -25.51
N PRO A 881 25.94 11.49 -26.67
CA PRO A 881 26.90 10.76 -27.52
C PRO A 881 27.88 11.71 -28.24
N PRO A 882 29.14 11.28 -28.48
CA PRO A 882 30.12 12.17 -29.13
C PRO A 882 30.13 12.06 -30.65
#